data_3W3Z
#
_entry.id   3W3Z
#
_cell.length_a   97.750
_cell.length_b   97.750
_cell.length_c   289.981
_cell.angle_alpha   90.00
_cell.angle_beta   90.00
_cell.angle_gamma   120.00
#
_symmetry.space_group_name_H-M   'P 32 2 1'
#
loop_
_entity.id
_entity.type
_entity.pdbx_description
1 polymer 'Importin subunit beta-3'
2 polymer 'GTP-binding nuclear protein Ran'
3 non-polymer 'MAGNESIUM ION'
4 non-polymer "GUANOSINE-5'-TRIPHOSPHATE"
5 water water
#
loop_
_entity_poly.entity_id
_entity_poly.type
_entity_poly.pdbx_seq_one_letter_code
_entity_poly.pdbx_strand_id
1 'polypeptide(L)'
;(MSE)SALPEEVNRTLLQIVQAFASPDNQIRSVAEKALSEEWITENNIEYLLTFLAEQAAFSQDTTVAALSAVLFRKLAL
KAPPSSKL(MSE)I(MSE)SKNITHIRKEVLAQIRSSLLKGFLSERADSIRHKLSDAIAECVQDDLPAWPELLQALIESL
KSGNPNFRESSFRILTTVPYLITAVDINSILPIFQSGFTDASDNVKIAAVTAFVGYFKQLPKSEWSKLGILLPSLLNSLP
RFLDDGKDDALASVFESLIELVELAPKLFKD(MSE)FDQIIQFTD(MSE)VIKNKDLEPPARTTALELLTVFSENAPQ
(MSE)CKSNQNYGQTLV(MSE)VTLI(MSE)(MSE)TEVSIDDDDAAEWIESDDTDDEEEVTYDHARQALDRVALKLGGE
YLAAPLFQYLQQ(MSE)ITSTEWRERFAA(MSE)(MSE)ALSSAAEGCADVLIGEIPKILD(MSE)VIPLINDPHPRVQY
GCCNVLGQISTDFSPFIQRTAHDRILPALISKLTSECTSRVQTHAAAALVNFSEFASKDILEPYLDSLLTNLLVLLQSNK
LYVQEQALTTIAFIAEAAKNKFIKYYDTL(MSE)PLLLNVLKVNNKDNSVLKGKC(MSE)ECATLIGFAVGKEKFHEHSQ
ELISILVALQNSDIDEDDALRSYLEQSWSRICRILGDDFVPLLPIVIPPLLITAKATQDVGLIEEEEAANFQQYPDWDVV
QVQGKHIAIHTSVLDDKVSA(MSE)ELLQSYATLLRGQFAVYVKEV(MSE)EEIALPSLDFYLHDGVRAAGATLIPILLS
CLLAATGTQNEELVLLWHKASSKLIGGL(MSE)SEP(MSE)PEITQVYHNSLVNGIKV(MSE)GDNCLSEDQLAAFTKGV
SANLTDTYER(MSE)QDRHGDGDEYNENIDEEEDFTDEDLLDEINKSIAAVLKTTNGHYLKNLENIWP(MSE)INTFLLD
NEPILVIFALVVIGDLIQYGGEQTAS(MSE)KNAFIPKVTECLISPDARIRQAASYIIGVCAQYAPSTYADVCIPTLDTL
VQIVDFPGSKLEENRSSTENASAAIAKILYAYNSNIPNVDTYTANWFKTLPTITDKEAASFNYQFLSQLIENNSPIVCAQ
SNISAVVDSVIQALNERSLTEREGQTVISSVKKLLGFLPSSDA(MSE)AIFNRYPADI(MSE)EKVHKWFA
;
A
2 'polypeptide(L)'
;MAAQGEPQVQFKLVLVGDGGTGKTTFVKRHLTGEFEKKYVATLGVEVHPLVFHTNRGPIKFNVWDTAGQEKFGGLRDGYY
IQAQCAIIMFDVTSRVTYKNVPNWHRDLVRVCENIPIVLCGNKVDIKDRKVKAKSIVFHRKKNLQYYDISAKSNYNFEKP
FLWLARKLIGDPNLEF
;
B
#
loop_
_chem_comp.id
_chem_comp.type
_chem_comp.name
_chem_comp.formula
GTP non-polymer GUANOSINE-5'-TRIPHOSPHATE 'C10 H16 N5 O14 P3'
MG non-polymer 'MAGNESIUM ION' 'Mg 2'
#
# COMPACT_ATOMS: atom_id res chain seq x y z
N LEU A 4 21.56 -56.61 -8.07
CA LEU A 4 20.09 -56.61 -8.34
C LEU A 4 19.72 -57.62 -9.42
N PRO A 5 18.49 -58.18 -9.34
CA PRO A 5 17.99 -59.04 -10.42
C PRO A 5 18.04 -58.31 -11.77
N GLU A 6 18.40 -59.02 -12.84
CA GLU A 6 18.50 -58.41 -14.17
C GLU A 6 17.16 -57.87 -14.71
N GLU A 7 16.03 -58.49 -14.32
CA GLU A 7 14.70 -57.95 -14.70
C GLU A 7 14.51 -56.53 -14.15
N VAL A 8 14.47 -56.42 -12.82
CA VAL A 8 14.45 -55.13 -12.09
C VAL A 8 15.23 -53.99 -12.81
N ASN A 9 16.45 -54.31 -13.25
CA ASN A 9 17.37 -53.34 -13.87
C ASN A 9 16.85 -52.68 -15.15
N ARG A 10 16.32 -53.49 -16.07
CA ARG A 10 15.87 -52.96 -17.36
C ARG A 10 14.55 -52.17 -17.24
N THR A 11 13.73 -52.54 -16.24
CA THR A 11 12.50 -51.81 -15.94
C THR A 11 12.85 -50.44 -15.34
N LEU A 12 13.66 -50.45 -14.29
CA LEU A 12 14.16 -49.21 -13.70
C LEU A 12 14.94 -48.35 -14.70
N LEU A 13 15.80 -48.97 -15.52
CA LEU A 13 16.60 -48.23 -16.49
C LEU A 13 15.73 -47.54 -17.51
N GLN A 14 14.67 -48.20 -17.97
CA GLN A 14 13.76 -47.58 -18.92
C GLN A 14 13.11 -46.35 -18.30
N ILE A 15 12.62 -46.52 -17.06
CA ILE A 15 11.90 -45.47 -16.34
C ILE A 15 12.78 -44.24 -16.13
N VAL A 16 13.98 -44.45 -15.61
CA VAL A 16 14.93 -43.36 -15.34
C VAL A 16 15.32 -42.62 -16.63
N GLN A 17 15.41 -43.34 -17.74
CA GLN A 17 15.71 -42.73 -19.04
C GLN A 17 14.55 -41.91 -19.52
N ALA A 18 13.34 -42.45 -19.38
CA ALA A 18 12.12 -41.75 -19.79
C ALA A 18 11.87 -40.58 -18.89
N PHE A 19 12.44 -40.61 -17.69
CA PHE A 19 12.19 -39.57 -16.73
C PHE A 19 12.60 -38.27 -17.32
N ALA A 20 13.34 -38.30 -18.42
CA ALA A 20 13.81 -37.05 -19.01
C ALA A 20 13.00 -36.46 -20.19
N SER A 21 12.26 -37.22 -21.00
CA SER A 21 11.64 -36.55 -22.13
C SER A 21 11.14 -35.16 -21.73
N PRO A 22 11.43 -34.15 -22.53
CA PRO A 22 10.73 -32.88 -22.60
C PRO A 22 9.28 -33.11 -22.95
N ASP A 23 9.06 -34.34 -23.41
CA ASP A 23 7.76 -34.80 -23.86
C ASP A 23 6.99 -35.33 -22.67
N ASN A 24 5.78 -34.82 -22.54
CA ASN A 24 5.06 -34.98 -21.32
C ASN A 24 4.51 -36.41 -21.12
N GLN A 25 4.14 -37.05 -22.22
CA GLN A 25 3.71 -38.42 -22.17
C GLN A 25 4.77 -39.39 -21.76
N ILE A 26 5.88 -39.41 -22.48
CA ILE A 26 6.86 -40.43 -22.20
C ILE A 26 7.21 -40.28 -20.74
N ARG A 27 7.28 -39.02 -20.29
CA ARG A 27 7.76 -38.70 -18.96
C ARG A 27 6.68 -38.86 -17.87
N SER A 28 5.43 -38.61 -18.21
CA SER A 28 4.35 -38.83 -17.27
C SER A 28 4.16 -40.33 -16.97
N VAL A 29 4.25 -41.15 -18.00
CA VAL A 29 4.18 -42.59 -17.84
C VAL A 29 5.26 -43.06 -16.89
N ALA A 30 6.45 -42.50 -17.00
CA ALA A 30 7.53 -42.89 -16.12
C ALA A 30 7.27 -42.35 -14.72
N GLU A 31 6.70 -41.14 -14.63
CA GLU A 31 6.28 -40.59 -13.34
C GLU A 31 5.29 -41.50 -12.57
N LYS A 32 4.22 -41.97 -13.23
CA LYS A 32 3.28 -42.87 -12.55
C LYS A 32 4.03 -44.13 -12.12
N ALA A 33 4.71 -44.76 -13.07
CA ALA A 33 5.56 -45.95 -12.78
C ALA A 33 6.43 -45.85 -11.53
N LEU A 34 7.13 -44.73 -11.38
CA LEU A 34 8.03 -44.53 -10.22
C LEU A 34 7.23 -44.45 -8.94
N SER A 35 6.30 -43.48 -8.92
CA SER A 35 5.47 -43.16 -7.75
C SER A 35 4.52 -44.30 -7.31
N GLU A 36 3.98 -45.05 -8.26
CA GLU A 36 2.96 -46.05 -7.92
C GLU A 36 3.47 -47.47 -7.77
N GLU A 37 4.48 -47.84 -8.54
CA GLU A 37 5.02 -49.21 -8.49
C GLU A 37 6.31 -49.31 -7.69
N TRP A 38 7.10 -48.23 -7.66
CA TRP A 38 8.50 -48.34 -7.26
C TRP A 38 8.90 -47.65 -5.96
N GLU A 41 6.66 -48.82 0.47
CA GLU A 41 7.58 -49.44 1.42
C GLU A 41 8.22 -50.73 0.88
N ASN A 42 7.54 -51.35 -0.11
CA ASN A 42 7.96 -52.65 -0.69
C ASN A 42 9.16 -52.66 -1.65
N ASN A 43 9.31 -51.60 -2.43
CA ASN A 43 10.34 -51.57 -3.48
C ASN A 43 11.44 -50.56 -3.29
N ILE A 44 11.26 -49.68 -2.32
CA ILE A 44 12.14 -48.52 -2.19
C ILE A 44 13.60 -48.88 -2.03
N GLU A 45 13.93 -49.95 -1.32
CA GLU A 45 15.33 -50.33 -1.10
C GLU A 45 16.00 -50.80 -2.40
N TYR A 46 15.25 -51.52 -3.22
CA TYR A 46 15.73 -51.94 -4.53
C TYR A 46 16.01 -50.69 -5.39
N LEU A 47 15.08 -49.73 -5.34
CA LEU A 47 15.15 -48.50 -6.14
C LEU A 47 16.37 -47.67 -5.76
N LEU A 48 16.55 -47.41 -4.47
CA LEU A 48 17.74 -46.74 -3.98
C LEU A 48 19.01 -47.48 -4.32
N THR A 49 19.00 -48.81 -4.22
CA THR A 49 20.18 -49.58 -4.54
C THR A 49 20.49 -49.43 -6.04
N PHE A 50 19.45 -49.35 -6.87
CA PHE A 50 19.62 -49.20 -8.33
C PHE A 50 20.23 -47.86 -8.67
N LEU A 51 19.57 -46.79 -8.22
CA LEU A 51 19.97 -45.45 -8.59
C LEU A 51 21.41 -45.17 -8.11
N ALA A 52 21.76 -45.67 -6.94
CA ALA A 52 23.15 -45.61 -6.51
C ALA A 52 24.09 -46.37 -7.46
N GLU A 53 23.63 -47.49 -8.00
CA GLU A 53 24.45 -48.27 -8.94
C GLU A 53 24.65 -47.56 -10.28
N GLN A 54 23.57 -46.97 -10.81
CA GLN A 54 23.61 -46.24 -12.06
C GLN A 54 24.57 -45.07 -11.97
N ALA A 55 24.33 -44.22 -10.98
CA ALA A 55 25.20 -43.08 -10.74
C ALA A 55 26.64 -43.52 -10.64
N ALA A 56 26.88 -44.65 -9.99
CA ALA A 56 28.25 -45.11 -9.81
C ALA A 56 28.85 -45.71 -11.09
N PHE A 57 28.06 -46.50 -11.82
CA PHE A 57 28.61 -47.39 -12.85
C PHE A 57 28.10 -47.20 -14.27
N SER A 58 26.95 -46.57 -14.46
CA SER A 58 26.41 -46.39 -15.82
C SER A 58 27.37 -45.59 -16.70
N GLN A 59 27.54 -46.04 -17.93
CA GLN A 59 28.37 -45.35 -18.92
C GLN A 59 27.66 -44.16 -19.54
N ASP A 60 26.33 -44.14 -19.44
CA ASP A 60 25.52 -43.05 -19.96
C ASP A 60 25.41 -41.88 -18.98
N THR A 61 25.72 -40.69 -19.44
CA THR A 61 25.82 -39.48 -18.64
C THR A 61 24.49 -39.09 -18.07
N THR A 62 23.45 -39.03 -18.89
CA THR A 62 22.12 -38.57 -18.45
C THR A 62 21.57 -39.48 -17.36
N VAL A 63 21.63 -40.77 -17.63
CA VAL A 63 21.25 -41.77 -16.67
C VAL A 63 22.04 -41.62 -15.36
N ALA A 64 23.37 -41.56 -15.45
CA ALA A 64 24.18 -41.48 -14.23
C ALA A 64 23.83 -40.23 -13.41
N ALA A 65 23.80 -39.08 -14.06
CA ALA A 65 23.44 -37.84 -13.39
C ALA A 65 22.07 -37.97 -12.73
N LEU A 66 21.03 -38.27 -13.49
CA LEU A 66 19.65 -38.37 -12.95
C LEU A 66 19.56 -39.28 -11.73
N SER A 67 20.23 -40.43 -11.81
CA SER A 67 20.16 -41.40 -10.75
C SER A 67 20.78 -40.84 -9.48
N ALA A 68 21.97 -40.27 -9.57
CA ALA A 68 22.56 -39.64 -8.41
C ALA A 68 21.64 -38.58 -7.84
N VAL A 69 21.00 -37.79 -8.69
CA VAL A 69 20.10 -36.73 -8.20
C VAL A 69 18.87 -37.33 -7.56
N LEU A 70 18.27 -38.31 -8.21
CA LEU A 70 17.09 -38.97 -7.63
C LEU A 70 17.39 -39.67 -6.31
N PHE A 71 18.53 -40.34 -6.23
CA PHE A 71 18.95 -41.04 -5.02
C PHE A 71 19.01 -40.08 -3.86
N ARG A 72 19.66 -38.93 -4.05
CA ARG A 72 19.72 -37.97 -2.98
C ARG A 72 18.32 -37.56 -2.64
N LYS A 73 17.48 -37.30 -3.64
CA LYS A 73 16.15 -36.75 -3.34
C LYS A 73 15.32 -37.75 -2.52
N LEU A 74 15.35 -39.01 -2.94
CA LEU A 74 14.55 -40.04 -2.33
C LEU A 74 15.08 -40.37 -0.94
N ALA A 75 16.40 -40.33 -0.77
CA ALA A 75 17.00 -40.56 0.54
C ALA A 75 16.45 -39.62 1.64
N LEU A 76 16.24 -38.35 1.34
CA LEU A 76 15.72 -37.40 2.35
C LEU A 76 14.24 -37.64 2.57
N LYS A 77 13.50 -38.00 1.54
CA LYS A 77 12.13 -38.46 1.73
C LYS A 77 12.04 -39.65 2.72
N ILE A 91 16.58 -42.54 4.41
CA ILE A 91 17.85 -43.24 4.55
C ILE A 91 17.95 -43.92 5.92
N THR A 92 17.34 -43.30 6.93
CA THR A 92 17.36 -43.81 8.28
C THR A 92 16.54 -45.09 8.48
N HIS A 93 15.43 -45.22 7.73
CA HIS A 93 14.54 -46.40 7.79
C HIS A 93 14.93 -47.55 6.86
N ILE A 94 16.16 -47.54 6.35
CA ILE A 94 16.64 -48.55 5.39
C ILE A 94 17.39 -49.59 6.18
N ARG A 95 17.30 -50.86 5.78
CA ARG A 95 18.10 -51.93 6.45
C ARG A 95 19.62 -51.64 6.40
N LYS A 96 20.34 -51.93 7.48
CA LYS A 96 21.77 -51.58 7.55
C LYS A 96 22.64 -52.35 6.51
N GLU A 97 22.32 -53.61 6.25
CA GLU A 97 23.01 -54.37 5.19
C GLU A 97 22.97 -53.67 3.81
N VAL A 98 21.87 -52.96 3.55
CA VAL A 98 21.66 -52.27 2.26
C VAL A 98 22.26 -50.86 2.26
N LEU A 99 22.10 -50.11 3.34
CA LEU A 99 22.84 -48.88 3.48
C LEU A 99 24.35 -49.13 3.23
N ALA A 100 24.91 -50.16 3.85
CA ALA A 100 26.34 -50.45 3.71
C ALA A 100 26.72 -50.72 2.26
N GLN A 101 25.88 -51.49 1.57
CA GLN A 101 26.11 -51.82 0.16
C GLN A 101 25.99 -50.56 -0.75
N ILE A 102 25.01 -49.72 -0.43
CA ILE A 102 24.83 -48.45 -1.08
C ILE A 102 26.05 -47.55 -0.87
N ARG A 103 26.43 -47.34 0.37
CA ARG A 103 27.66 -46.62 0.68
C ARG A 103 28.86 -47.15 -0.10
N SER A 104 29.06 -48.46 -0.11
CA SER A 104 30.24 -49.05 -0.72
C SER A 104 30.27 -48.83 -2.23
N SER A 105 29.10 -48.82 -2.88
CA SER A 105 29.06 -48.65 -4.32
C SER A 105 29.20 -47.18 -4.67
N LEU A 106 28.56 -46.32 -3.91
CA LEU A 106 28.72 -44.88 -4.08
C LEU A 106 30.19 -44.50 -3.99
N LEU A 107 30.87 -45.02 -2.99
CA LEU A 107 32.27 -44.75 -2.79
C LEU A 107 33.14 -45.37 -3.90
N LYS A 108 32.83 -46.60 -4.33
CA LYS A 108 33.58 -47.22 -5.45
C LYS A 108 33.39 -46.38 -6.72
N GLY A 109 32.15 -45.94 -6.94
CA GLY A 109 31.83 -45.04 -8.05
C GLY A 109 32.66 -43.79 -8.00
N PHE A 110 32.71 -43.17 -6.84
CA PHE A 110 33.47 -41.94 -6.63
C PHE A 110 34.94 -42.11 -7.00
N LEU A 111 35.52 -43.25 -6.63
CA LEU A 111 36.97 -43.47 -6.82
C LEU A 111 37.31 -44.06 -8.21
N SER A 112 36.28 -44.46 -8.95
CA SER A 112 36.43 -44.92 -10.32
C SER A 112 36.56 -43.73 -11.26
N GLU A 113 36.54 -44.01 -12.56
CA GLU A 113 36.60 -43.00 -13.60
C GLU A 113 35.21 -42.44 -13.94
N ARG A 114 34.89 -41.23 -13.45
CA ARG A 114 33.60 -40.59 -13.73
C ARG A 114 33.75 -39.19 -14.26
N ALA A 115 32.73 -38.74 -14.99
CA ALA A 115 32.68 -37.36 -15.47
C ALA A 115 32.67 -36.41 -14.25
N ASP A 116 33.26 -35.24 -14.37
CA ASP A 116 33.22 -34.21 -13.35
C ASP A 116 31.85 -34.00 -12.74
N SER A 117 30.87 -33.69 -13.56
CA SER A 117 29.53 -33.38 -13.07
C SER A 117 28.88 -34.60 -12.39
N ILE A 118 29.23 -35.80 -12.84
CA ILE A 118 28.76 -37.01 -12.19
C ILE A 118 29.44 -37.22 -10.82
N ARG A 119 30.75 -36.98 -10.74
CA ARG A 119 31.40 -37.04 -9.44
C ARG A 119 30.78 -36.02 -8.49
N HIS A 120 30.40 -34.85 -9.02
CA HIS A 120 29.76 -33.82 -8.18
C HIS A 120 28.46 -34.41 -7.64
N LYS A 121 27.69 -35.06 -8.51
CA LYS A 121 26.39 -35.58 -8.10
C LYS A 121 26.54 -36.81 -7.20
N LEU A 122 27.58 -37.60 -7.42
CA LEU A 122 27.88 -38.71 -6.50
C LEU A 122 28.17 -38.15 -5.09
N SER A 123 29.01 -37.12 -5.03
CA SER A 123 29.34 -36.43 -3.78
C SER A 123 28.08 -35.93 -3.08
N ASP A 124 27.12 -35.42 -3.86
CA ASP A 124 25.87 -34.95 -3.29
C ASP A 124 25.09 -36.15 -2.70
N ALA A 125 25.18 -37.29 -3.37
CA ALA A 125 24.43 -38.47 -2.95
C ALA A 125 25.08 -39.09 -1.73
N ILE A 126 26.42 -39.15 -1.74
CA ILE A 126 27.26 -39.61 -0.61
C ILE A 126 26.94 -38.84 0.66
N ALA A 127 26.85 -37.51 0.54
CA ALA A 127 26.46 -36.65 1.65
C ALA A 127 25.14 -37.09 2.29
N GLU A 128 24.14 -37.49 1.49
CA GLU A 128 22.87 -37.97 2.08
C GLU A 128 23.04 -39.28 2.91
N CYS A 129 24.18 -39.94 2.75
CA CYS A 129 24.52 -41.17 3.49
C CYS A 129 25.38 -40.95 4.76
N VAL A 130 25.50 -39.69 5.19
CA VAL A 130 26.19 -39.38 6.44
C VAL A 130 25.24 -38.59 7.33
N GLN A 131 25.05 -39.12 8.54
CA GLN A 131 23.94 -38.71 9.39
C GLN A 131 24.23 -39.07 10.83
N ASP A 132 23.76 -38.22 11.75
CA ASP A 132 23.88 -38.47 13.19
C ASP A 132 23.40 -39.87 13.63
N ASP A 133 22.24 -40.30 13.11
CA ASP A 133 21.65 -41.60 13.46
C ASP A 133 22.19 -42.79 12.63
N LEU A 134 22.89 -42.50 11.55
CA LEU A 134 23.43 -43.52 10.68
C LEU A 134 24.76 -44.07 11.26
N PRO A 135 25.05 -45.36 11.01
CA PRO A 135 26.34 -45.97 11.41
C PRO A 135 27.56 -45.18 10.91
N ALA A 136 28.67 -45.30 11.62
CA ALA A 136 29.94 -44.68 11.23
C ALA A 136 30.39 -45.20 9.88
N TRP A 137 31.00 -44.30 9.11
CA TRP A 137 31.47 -44.63 7.79
C TRP A 137 32.91 -44.11 7.71
N PRO A 138 33.84 -44.83 8.36
CA PRO A 138 35.23 -44.37 8.32
C PRO A 138 35.94 -44.53 6.95
N GLU A 139 35.36 -45.32 6.03
CA GLU A 139 35.92 -45.47 4.67
C GLU A 139 35.76 -44.19 3.85
N LEU A 140 34.71 -43.42 4.15
CA LEU A 140 34.49 -42.13 3.51
C LEU A 140 35.59 -41.18 3.93
N LEU A 141 35.71 -41.00 5.24
CA LEU A 141 36.76 -40.18 5.80
C LEU A 141 38.09 -40.48 5.14
N GLN A 142 38.44 -41.77 5.03
CA GLN A 142 39.69 -42.15 4.40
C GLN A 142 39.72 -41.77 2.91
N ALA A 143 38.60 -41.99 2.21
CA ALA A 143 38.52 -41.63 0.80
C ALA A 143 38.73 -40.11 0.57
N LEU A 144 38.16 -39.30 1.46
CA LEU A 144 38.30 -37.85 1.33
C LEU A 144 39.75 -37.41 1.45
N ILE A 145 40.42 -37.86 2.51
CA ILE A 145 41.80 -37.48 2.74
C ILE A 145 42.70 -37.87 1.56
N GLU A 146 42.54 -39.08 1.02
CA GLU A 146 43.33 -39.50 -0.14
C GLU A 146 43.01 -38.63 -1.35
N SER A 147 41.72 -38.41 -1.59
CA SER A 147 41.28 -37.73 -2.80
C SER A 147 41.79 -36.27 -2.82
N LEU A 148 41.78 -35.65 -1.64
CA LEU A 148 42.36 -34.30 -1.48
C LEU A 148 43.83 -34.22 -1.93
N LYS A 149 44.55 -35.34 -1.87
CA LYS A 149 45.95 -35.40 -2.32
C LYS A 149 46.11 -35.95 -3.75
N SER A 150 45.05 -36.49 -4.35
CA SER A 150 45.07 -36.91 -5.77
C SER A 150 45.57 -35.82 -6.71
N GLY A 151 46.18 -36.24 -7.82
CA GLY A 151 46.65 -35.36 -8.87
C GLY A 151 45.54 -34.88 -9.81
N ASN A 152 44.33 -35.41 -9.58
CA ASN A 152 43.15 -35.00 -10.33
C ASN A 152 42.34 -33.91 -9.61
N PRO A 153 42.27 -32.70 -10.21
CA PRO A 153 41.56 -31.58 -9.58
C PRO A 153 40.16 -31.95 -9.19
N ASN A 154 39.49 -32.72 -10.04
CA ASN A 154 38.08 -33.01 -9.80
C ASN A 154 37.87 -33.82 -8.48
N PHE A 155 38.84 -34.66 -8.16
CA PHE A 155 38.85 -35.41 -6.93
C PHE A 155 38.99 -34.46 -5.72
N ARG A 156 39.84 -33.46 -5.90
CA ARG A 156 40.12 -32.52 -4.82
C ARG A 156 38.89 -31.64 -4.63
N GLU A 157 38.43 -31.04 -5.73
CA GLU A 157 37.26 -30.19 -5.74
C GLU A 157 36.06 -30.92 -5.10
N SER A 158 35.87 -32.19 -5.46
CA SER A 158 34.69 -32.95 -5.04
C SER A 158 34.75 -33.29 -3.58
N SER A 159 35.97 -33.49 -3.07
CA SER A 159 36.11 -33.74 -1.63
C SER A 159 35.71 -32.50 -0.83
N PHE A 160 36.15 -31.30 -1.23
CA PHE A 160 35.73 -30.07 -0.54
C PHE A 160 34.21 -29.93 -0.59
N ARG A 161 33.65 -30.31 -1.73
CA ARG A 161 32.22 -30.20 -1.90
C ARG A 161 31.48 -31.04 -0.82
N ILE A 162 31.99 -32.26 -0.59
CA ILE A 162 31.42 -33.14 0.45
C ILE A 162 31.51 -32.49 1.84
N LEU A 163 32.70 -31.98 2.18
CA LEU A 163 32.90 -31.25 3.44
C LEU A 163 32.00 -30.00 3.53
N THR A 164 31.62 -29.42 2.38
CA THR A 164 30.68 -28.30 2.40
C THR A 164 29.29 -28.78 2.84
N THR A 165 28.84 -29.89 2.24
CA THR A 165 27.47 -30.32 2.42
C THR A 165 27.31 -30.88 3.79
N VAL A 166 28.35 -31.59 4.26
CA VAL A 166 28.37 -32.25 5.58
C VAL A 166 29.54 -31.72 6.43
N PRO A 167 29.42 -30.48 6.93
CA PRO A 167 30.56 -29.85 7.58
C PRO A 167 31.03 -30.60 8.81
N TYR A 168 30.15 -31.39 9.42
CA TYR A 168 30.51 -32.20 10.58
C TYR A 168 31.67 -33.15 10.35
N LEU A 169 31.87 -33.59 9.11
CA LEU A 169 33.03 -34.40 8.78
C LEU A 169 34.32 -33.66 9.10
N ILE A 170 34.27 -32.33 9.09
CA ILE A 170 35.47 -31.54 9.37
C ILE A 170 35.85 -31.73 10.83
N THR A 171 34.85 -31.77 11.71
CA THR A 171 35.10 -31.99 13.11
C THR A 171 35.45 -33.45 13.31
N LEU A 179 43.81 -27.79 8.99
CA LEU A 179 44.37 -26.47 8.71
C LEU A 179 45.26 -26.46 7.46
N PRO A 180 46.27 -27.35 7.38
CA PRO A 180 47.05 -27.39 6.13
C PRO A 180 46.23 -27.82 4.89
N ILE A 181 45.18 -28.61 5.12
CA ILE A 181 44.24 -28.98 4.07
C ILE A 181 43.63 -27.73 3.43
N PHE A 182 43.06 -26.85 4.23
CA PHE A 182 42.50 -25.61 3.68
C PHE A 182 43.56 -24.68 3.10
N GLN A 183 44.76 -24.62 3.70
CA GLN A 183 45.82 -23.73 3.18
C GLN A 183 46.36 -24.22 1.85
N SER A 184 46.42 -25.54 1.67
CA SER A 184 46.76 -26.13 0.39
C SER A 184 45.61 -25.87 -0.58
N GLY A 185 44.39 -26.05 -0.08
CA GLY A 185 43.16 -25.70 -0.79
C GLY A 185 43.16 -24.28 -1.36
N PHE A 186 43.46 -23.27 -0.54
CA PHE A 186 43.44 -21.87 -0.99
C PHE A 186 44.52 -21.53 -2.01
N THR A 187 45.49 -22.43 -2.14
CA THR A 187 46.72 -22.18 -2.89
C THR A 187 46.81 -23.07 -4.13
N ASP A 188 45.87 -24.01 -4.24
CA ASP A 188 45.84 -25.01 -5.30
C ASP A 188 45.92 -24.42 -6.71
N ALA A 189 46.65 -25.09 -7.59
CA ALA A 189 46.81 -24.63 -8.98
C ALA A 189 45.49 -24.65 -9.76
N SER A 190 44.53 -25.48 -9.36
CA SER A 190 43.18 -25.47 -9.96
C SER A 190 42.24 -24.44 -9.32
N ASP A 191 41.72 -23.55 -10.14
CA ASP A 191 40.77 -22.53 -9.66
C ASP A 191 39.56 -23.19 -9.04
N ASN A 192 39.12 -24.27 -9.68
CA ASN A 192 37.96 -25.00 -9.22
C ASN A 192 38.09 -25.48 -7.78
N VAL A 193 39.28 -26.00 -7.47
CA VAL A 193 39.61 -26.49 -6.14
C VAL A 193 39.60 -25.32 -5.15
N LYS A 194 40.20 -24.21 -5.55
CA LYS A 194 40.23 -23.03 -4.67
C LYS A 194 38.82 -22.57 -4.31
N ILE A 195 37.96 -22.44 -5.32
CA ILE A 195 36.61 -21.97 -5.08
C ILE A 195 35.90 -22.93 -4.12
N ALA A 196 36.11 -24.24 -4.29
CA ALA A 196 35.50 -25.26 -3.44
C ALA A 196 36.07 -25.22 -2.02
N ALA A 197 37.39 -24.98 -1.90
CA ALA A 197 38.02 -24.77 -0.59
C ALA A 197 37.34 -23.63 0.14
N VAL A 198 37.19 -22.51 -0.55
CA VAL A 198 36.60 -21.31 0.06
C VAL A 198 35.14 -21.59 0.41
N THR A 199 34.45 -22.28 -0.48
CA THR A 199 33.05 -22.63 -0.25
C THR A 199 32.91 -23.47 1.03
N ALA A 200 33.78 -24.48 1.15
CA ALA A 200 33.79 -25.36 2.31
C ALA A 200 34.14 -24.61 3.60
N PHE A 201 35.13 -23.72 3.46
CA PHE A 201 35.61 -22.92 4.58
C PHE A 201 34.49 -22.06 5.16
N VAL A 202 33.76 -21.36 4.31
CA VAL A 202 32.63 -20.56 4.77
C VAL A 202 31.48 -21.43 5.28
N GLY A 203 31.26 -22.58 4.64
CA GLY A 203 30.17 -23.47 5.03
C GLY A 203 30.27 -23.91 6.48
N TYR A 204 31.50 -24.06 6.93
CA TYR A 204 31.78 -24.41 8.33
C TYR A 204 31.13 -23.40 9.30
N PHE A 205 31.35 -22.12 9.04
CA PHE A 205 30.78 -21.08 9.90
C PHE A 205 29.26 -21.03 9.71
N LYS A 206 28.78 -21.37 8.52
CA LYS A 206 27.35 -21.36 8.23
C LYS A 206 26.57 -22.34 9.08
N GLN A 207 27.21 -23.48 9.36
CA GLN A 207 26.49 -24.66 9.85
C GLN A 207 26.77 -24.94 11.32
N LEU A 208 27.96 -24.57 11.78
CA LEU A 208 28.37 -24.86 13.15
C LEU A 208 28.11 -23.69 14.09
N PRO A 209 27.97 -23.98 15.37
CA PRO A 209 27.79 -22.89 16.33
C PRO A 209 29.04 -22.06 16.52
N LYS A 210 28.84 -20.84 17.01
CA LYS A 210 29.91 -19.84 17.19
C LYS A 210 31.05 -20.33 18.07
N SER A 211 30.71 -21.17 19.05
CA SER A 211 31.70 -21.78 19.93
C SER A 211 32.79 -22.56 19.16
N GLU A 212 32.49 -22.94 17.92
CA GLU A 212 33.43 -23.69 17.08
C GLU A 212 34.24 -22.79 16.13
N TRP A 213 33.90 -21.50 16.07
CA TRP A 213 34.37 -20.64 14.99
C TRP A 213 35.85 -20.28 15.07
N SER A 214 36.35 -20.04 16.27
CA SER A 214 37.72 -19.54 16.41
C SER A 214 38.77 -20.60 16.02
N LYS A 215 38.30 -21.77 15.62
CA LYS A 215 39.15 -22.91 15.31
C LYS A 215 39.58 -22.91 13.85
N LEU A 216 38.72 -22.37 12.98
CA LEU A 216 39.07 -22.11 11.58
C LEU A 216 39.32 -20.63 11.31
N GLY A 217 38.81 -19.77 12.19
CA GLY A 217 38.99 -18.32 12.04
C GLY A 217 40.41 -17.94 11.69
N ILE A 218 41.38 -18.59 12.32
CA ILE A 218 42.79 -18.25 12.12
C ILE A 218 43.24 -18.33 10.66
N LEU A 219 42.47 -19.05 9.84
CA LEU A 219 42.82 -19.24 8.42
C LEU A 219 42.46 -18.06 7.54
N LEU A 220 41.63 -17.13 8.03
CA LEU A 220 41.12 -16.06 7.18
C LEU A 220 42.26 -15.28 6.49
N PRO A 221 43.32 -14.91 7.23
CA PRO A 221 44.40 -14.23 6.51
C PRO A 221 45.07 -15.03 5.36
N SER A 222 45.23 -16.35 5.49
CA SER A 222 45.74 -17.15 4.37
C SER A 222 44.82 -17.01 3.17
N LEU A 223 43.51 -17.08 3.42
CA LEU A 223 42.51 -16.92 2.38
C LEU A 223 42.63 -15.53 1.74
N LEU A 224 42.61 -14.48 2.56
CA LEU A 224 42.67 -13.13 2.00
C LEU A 224 43.98 -12.92 1.27
N ASN A 225 45.08 -13.42 1.83
CA ASN A 225 46.39 -13.32 1.17
C ASN A 225 46.50 -14.08 -0.16
N SER A 226 45.61 -15.04 -0.40
CA SER A 226 45.61 -15.78 -1.65
C SER A 226 45.00 -14.96 -2.79
N LEU A 227 44.26 -13.92 -2.45
CA LEU A 227 43.41 -13.21 -3.43
C LEU A 227 44.13 -12.48 -4.58
N PRO A 228 45.29 -11.82 -4.32
CA PRO A 228 45.95 -11.12 -5.43
C PRO A 228 46.40 -12.03 -6.58
N ARG A 229 46.59 -13.31 -6.30
CA ARG A 229 46.95 -14.28 -7.34
C ARG A 229 45.89 -14.40 -8.44
N PHE A 230 44.62 -14.26 -8.07
CA PHE A 230 43.54 -14.33 -9.07
C PHE A 230 43.69 -13.24 -10.13
N LEU A 231 44.10 -12.04 -9.73
CA LEU A 231 44.27 -10.97 -10.69
C LEU A 231 45.52 -11.13 -11.53
N ASP A 232 46.54 -11.81 -11.01
CA ASP A 232 47.80 -12.03 -11.75
C ASP A 232 47.57 -13.01 -12.90
N ASP A 233 46.89 -14.11 -12.59
CA ASP A 233 46.49 -15.11 -13.60
C ASP A 233 45.37 -14.60 -14.52
N GLY A 234 44.76 -13.45 -14.20
CA GLY A 234 43.64 -12.94 -14.98
C GLY A 234 42.41 -13.83 -14.89
N LYS A 235 42.11 -14.28 -13.67
CA LYS A 235 41.03 -15.22 -13.43
C LYS A 235 39.95 -14.52 -12.58
N ASP A 236 39.35 -13.49 -13.15
CA ASP A 236 38.46 -12.61 -12.39
C ASP A 236 37.06 -13.19 -12.16
N ASP A 237 36.61 -14.03 -13.08
CA ASP A 237 35.39 -14.83 -12.88
C ASP A 237 35.47 -15.69 -11.60
N ALA A 238 36.62 -16.34 -11.40
CA ALA A 238 36.85 -17.14 -10.18
C ALA A 238 36.97 -16.22 -8.98
N LEU A 239 37.49 -15.03 -9.19
CA LEU A 239 37.54 -14.03 -8.12
C LEU A 239 36.12 -13.68 -7.70
N ALA A 240 35.25 -13.49 -8.65
CA ALA A 240 33.87 -13.15 -8.33
C ALA A 240 33.23 -14.21 -7.41
N SER A 241 33.45 -15.49 -7.69
CA SER A 241 32.95 -16.60 -6.86
C SER A 241 33.51 -16.56 -5.44
N VAL A 242 34.79 -16.25 -5.32
CA VAL A 242 35.40 -16.12 -4.00
C VAL A 242 34.80 -14.91 -3.30
N PHE A 243 34.54 -13.81 -4.03
CA PHE A 243 33.93 -12.64 -3.40
C PHE A 243 32.56 -13.05 -2.90
N GLU A 244 31.86 -13.91 -3.62
CA GLU A 244 30.52 -14.37 -3.18
C GLU A 244 30.60 -15.08 -1.82
N SER A 245 31.62 -15.93 -1.66
CA SER A 245 31.78 -16.65 -0.41
C SER A 245 32.14 -15.68 0.71
N LEU A 246 33.03 -14.75 0.41
CA LEU A 246 33.48 -13.76 1.38
C LEU A 246 32.37 -12.85 1.84
N ILE A 247 31.47 -12.50 0.93
CA ILE A 247 30.27 -11.74 1.27
C ILE A 247 29.47 -12.50 2.30
N GLU A 248 29.32 -13.83 2.14
CA GLU A 248 28.53 -14.60 3.09
C GLU A 248 29.21 -14.60 4.43
N LEU A 249 30.53 -14.70 4.42
CA LEU A 249 31.29 -14.71 5.66
C LEU A 249 31.21 -13.40 6.45
N VAL A 250 31.16 -12.27 5.77
CA VAL A 250 31.01 -10.97 6.44
C VAL A 250 29.65 -10.89 7.15
N GLU A 251 28.63 -11.51 6.58
CA GLU A 251 27.29 -11.47 7.15
C GLU A 251 27.13 -12.41 8.31
N LEU A 252 28.13 -13.28 8.53
CA LEU A 252 28.15 -14.20 9.68
C LEU A 252 29.05 -13.75 10.81
N ALA A 253 30.23 -13.27 10.45
CA ALA A 253 31.31 -12.99 11.40
C ALA A 253 32.06 -11.74 10.98
N PRO A 254 31.37 -10.59 10.99
CA PRO A 254 32.09 -9.40 10.52
C PRO A 254 33.38 -9.10 11.31
N LYS A 255 33.33 -9.30 12.62
CA LYS A 255 34.46 -8.98 13.52
C LYS A 255 35.75 -9.73 13.18
N LEU A 256 35.59 -10.92 12.61
CA LEU A 256 36.73 -11.71 12.16
C LEU A 256 37.64 -10.91 11.20
N PHE A 257 37.06 -9.90 10.55
CA PHE A 257 37.76 -9.12 9.52
C PHE A 257 38.47 -7.89 10.08
N LYS A 258 38.31 -7.63 11.38
CA LYS A 258 38.73 -6.34 11.95
C LYS A 258 40.20 -6.01 11.67
N ASP A 259 41.07 -6.97 11.93
CA ASP A 259 42.52 -6.75 11.82
C ASP A 259 42.98 -6.44 10.39
N MSE A 260 42.23 -6.88 9.38
CA MSE A 260 42.68 -6.74 8.01
C MSE A 260 41.75 -5.91 7.22
O MSE A 260 41.73 -5.94 5.97
CB MSE A 260 42.70 -8.12 7.41
CG MSE A 260 43.70 -8.98 8.13
SE MSE A 260 43.32 -10.70 7.33
CE MSE A 260 44.76 -10.39 5.96
N PHE A 261 40.97 -5.12 7.92
CA PHE A 261 39.95 -4.35 7.28
C PHE A 261 40.54 -3.45 6.18
N ASP A 262 41.58 -2.69 6.50
CA ASP A 262 42.30 -1.89 5.50
C ASP A 262 42.74 -2.71 4.29
N GLN A 263 43.16 -3.95 4.51
CA GLN A 263 43.66 -4.76 3.40
C GLN A 263 42.55 -5.12 2.43
N ILE A 264 41.37 -5.48 2.95
CA ILE A 264 40.26 -5.84 2.06
C ILE A 264 39.72 -4.61 1.34
N ILE A 265 39.67 -3.48 2.05
CA ILE A 265 39.25 -2.21 1.47
C ILE A 265 40.15 -1.84 0.30
N GLN A 266 41.45 -1.90 0.53
CA GLN A 266 42.42 -1.56 -0.50
C GLN A 266 42.36 -2.50 -1.68
N PHE A 267 42.12 -3.77 -1.41
CA PHE A 267 41.99 -4.76 -2.47
C PHE A 267 40.73 -4.52 -3.31
N THR A 268 39.59 -4.32 -2.67
CA THR A 268 38.36 -4.09 -3.42
C THR A 268 38.47 -2.80 -4.22
N ASP A 269 39.10 -1.77 -3.63
CA ASP A 269 39.40 -0.51 -4.33
C ASP A 269 40.15 -0.81 -5.62
N MSE A 270 41.23 -1.56 -5.51
CA MSE A 270 42.06 -1.86 -6.66
C MSE A 270 41.34 -2.61 -7.74
O MSE A 270 41.58 -2.36 -8.92
CB MSE A 270 43.25 -2.68 -6.24
CG MSE A 270 44.15 -2.89 -7.44
SE MSE A 270 45.61 -3.87 -6.65
CE MSE A 270 44.91 -5.72 -6.67
N VAL A 271 40.47 -3.54 -7.35
CA VAL A 271 39.70 -4.32 -8.33
C VAL A 271 38.76 -3.43 -9.10
N ILE A 272 37.99 -2.63 -8.37
CA ILE A 272 36.96 -1.79 -8.97
C ILE A 272 37.52 -0.77 -9.96
N LYS A 273 38.68 -0.20 -9.65
CA LYS A 273 39.33 0.78 -10.53
C LYS A 273 39.88 0.18 -11.84
N ASN A 274 40.25 -1.10 -11.80
CA ASN A 274 40.78 -1.79 -12.96
C ASN A 274 39.60 -2.07 -13.90
N LYS A 275 39.31 -1.11 -14.77
CA LYS A 275 38.07 -1.21 -15.54
C LYS A 275 38.28 -1.84 -16.91
N ASP A 276 39.33 -2.64 -17.01
CA ASP A 276 39.49 -3.63 -18.09
C ASP A 276 39.05 -5.01 -17.62
N LEU A 277 38.80 -5.14 -16.33
CA LEU A 277 38.21 -6.37 -15.77
C LEU A 277 36.75 -6.43 -16.17
N GLU A 278 36.18 -7.63 -16.28
CA GLU A 278 34.76 -7.75 -16.55
C GLU A 278 33.94 -7.31 -15.33
N PRO A 279 32.68 -6.92 -15.56
CA PRO A 279 31.90 -6.39 -14.43
C PRO A 279 31.76 -7.28 -13.19
N PRO A 280 31.59 -8.63 -13.33
CA PRO A 280 31.32 -9.44 -12.14
C PRO A 280 32.32 -9.35 -10.98
N ALA A 281 33.63 -9.37 -11.25
CA ALA A 281 34.59 -9.19 -10.18
C ALA A 281 34.43 -7.80 -9.53
N ARG A 282 34.04 -6.81 -10.33
CA ARG A 282 33.94 -5.43 -9.84
C ARG A 282 32.60 -5.22 -9.13
N THR A 283 31.53 -5.81 -9.62
CA THR A 283 30.25 -5.66 -8.94
C THR A 283 30.23 -6.47 -7.62
N THR A 284 30.82 -7.66 -7.60
CA THR A 284 30.89 -8.45 -6.36
C THR A 284 31.88 -7.82 -5.36
N ALA A 285 33.00 -7.30 -5.85
CA ALA A 285 33.90 -6.55 -4.98
C ALA A 285 33.16 -5.38 -4.31
N LEU A 286 32.34 -4.65 -5.06
CA LEU A 286 31.53 -3.55 -4.53
C LEU A 286 30.60 -4.05 -3.46
N GLU A 287 29.95 -5.18 -3.73
CA GLU A 287 29.02 -5.77 -2.78
C GLU A 287 29.73 -6.19 -1.48
N LEU A 288 30.93 -6.78 -1.63
CA LEU A 288 31.77 -7.05 -0.46
C LEU A 288 31.98 -5.76 0.34
N LEU A 289 32.40 -4.67 -0.31
CA LEU A 289 32.50 -3.37 0.40
C LEU A 289 31.21 -2.97 1.08
N THR A 290 30.11 -3.04 0.36
CA THR A 290 28.81 -2.52 0.80
C THR A 290 28.32 -3.24 2.05
N VAL A 291 28.58 -4.53 2.06
CA VAL A 291 28.05 -5.44 3.06
C VAL A 291 28.67 -5.22 4.46
N PHE A 292 29.88 -4.68 4.52
CA PHE A 292 30.47 -4.30 5.80
C PHE A 292 29.63 -3.22 6.49
N SER A 293 29.06 -2.27 5.72
CA SER A 293 28.23 -1.22 6.30
C SER A 293 26.94 -1.79 6.90
N GLU A 294 26.47 -2.90 6.37
CA GLU A 294 25.23 -3.51 6.88
C GLU A 294 25.44 -4.43 8.07
N ASN A 295 26.68 -4.89 8.27
CA ASN A 295 26.93 -5.90 9.29
C ASN A 295 27.89 -5.45 10.39
N ALA A 296 28.70 -4.43 10.10
CA ALA A 296 29.51 -3.79 11.13
C ALA A 296 29.61 -2.27 10.90
N PRO A 297 28.53 -1.53 11.28
CA PRO A 297 28.55 -0.07 11.12
C PRO A 297 29.60 0.64 11.99
N GLN A 298 29.74 0.24 13.26
CA GLN A 298 30.77 0.84 14.13
C GLN A 298 32.19 0.53 13.64
N MSE A 299 32.41 -0.68 13.13
CA MSE A 299 33.69 -1.04 12.46
C MSE A 299 33.96 -0.12 11.29
O MSE A 299 35.08 0.38 11.12
CB MSE A 299 33.73 -2.51 11.98
CG MSE A 299 35.14 -2.99 11.60
SE MSE A 299 35.34 -4.77 10.73
CE MSE A 299 33.66 -5.17 9.82
N CYS A 300 32.95 0.14 10.46
CA CYS A 300 33.15 1.03 9.31
C CYS A 300 33.47 2.45 9.75
N LYS A 301 32.72 2.90 10.75
CA LYS A 301 32.83 4.25 11.30
C LYS A 301 34.15 4.51 12.03
N SER A 302 34.72 3.47 12.64
CA SER A 302 35.99 3.62 13.33
C SER A 302 37.18 3.65 12.35
N ASN A 303 36.92 3.60 11.05
CA ASN A 303 38.01 3.54 10.05
C ASN A 303 37.77 4.45 8.83
N GLN A 304 38.38 5.63 8.83
CA GLN A 304 38.11 6.65 7.78
C GLN A 304 38.38 6.14 6.35
N ASN A 305 39.18 5.09 6.24
CA ASN A 305 39.51 4.51 4.95
C ASN A 305 38.29 3.88 4.22
N TYR A 306 37.38 3.27 4.99
CA TYR A 306 36.20 2.64 4.41
C TYR A 306 35.38 3.68 3.66
N GLY A 307 34.99 4.72 4.38
CA GLY A 307 34.15 5.78 3.84
C GLY A 307 34.71 6.37 2.56
N GLN A 308 36.02 6.58 2.55
CA GLN A 308 36.70 7.26 1.45
C GLN A 308 36.81 6.38 0.22
N THR A 309 37.19 5.12 0.46
CA THR A 309 37.22 4.08 -0.56
C THR A 309 35.81 3.90 -1.15
N LEU A 310 34.81 3.73 -0.28
CA LEU A 310 33.44 3.44 -0.73
C LEU A 310 32.90 4.53 -1.66
N VAL A 311 33.06 5.78 -1.25
CA VAL A 311 32.58 6.89 -2.06
C VAL A 311 33.34 6.96 -3.38
N MSE A 312 34.66 6.87 -3.29
CA MSE A 312 35.50 6.93 -4.48
C MSE A 312 35.10 5.88 -5.51
O MSE A 312 34.94 6.22 -6.68
CB MSE A 312 36.97 6.79 -4.06
CG MSE A 312 37.95 6.86 -5.21
SE MSE A 312 37.83 8.65 -5.98
CE MSE A 312 38.81 8.42 -7.67
N VAL A 313 34.95 4.62 -5.08
CA VAL A 313 34.67 3.54 -6.04
C VAL A 313 33.28 3.63 -6.66
N THR A 314 32.27 4.03 -5.87
CA THR A 314 30.92 4.17 -6.41
C THR A 314 30.86 5.33 -7.41
N LEU A 315 31.56 6.42 -7.11
CA LEU A 315 31.71 7.54 -8.05
C LEU A 315 32.33 7.12 -9.37
N ILE A 316 33.39 6.31 -9.32
CA ILE A 316 34.03 5.89 -10.56
C ILE A 316 33.06 5.08 -11.40
N MSE A 317 32.32 4.15 -10.77
CA MSE A 317 31.38 3.26 -11.50
C MSE A 317 30.19 3.99 -12.05
O MSE A 317 29.68 3.63 -13.10
CB MSE A 317 30.87 2.12 -10.65
CG MSE A 317 31.93 1.07 -10.45
SE MSE A 317 31.28 -0.03 -8.96
CE MSE A 317 30.28 -1.41 -9.95
N MSE A 318 29.75 5.03 -11.36
CA MSE A 318 28.60 5.82 -11.87
C MSE A 318 28.90 6.65 -13.11
O MSE A 318 27.97 7.17 -13.72
CB MSE A 318 28.05 6.72 -10.79
CG MSE A 318 27.24 5.83 -9.89
SE MSE A 318 26.34 7.04 -8.66
CE MSE A 318 26.82 6.36 -6.90
N THR A 319 30.18 6.77 -13.49
CA THR A 319 30.60 7.44 -14.74
C THR A 319 30.56 6.48 -15.91
N GLU A 320 30.33 5.20 -15.66
CA GLU A 320 30.38 4.21 -16.72
C GLU A 320 29.00 4.11 -17.35
N VAL A 321 28.66 5.17 -18.09
CA VAL A 321 27.36 5.31 -18.77
C VAL A 321 27.57 5.78 -20.21
N SER A 322 26.61 5.48 -21.08
CA SER A 322 26.67 5.92 -22.47
C SER A 322 28.05 5.59 -23.06
N ILE A 323 28.58 4.42 -22.72
CA ILE A 323 29.92 4.06 -23.17
C ILE A 323 29.97 4.06 -24.69
N ASP A 324 31.06 4.60 -25.26
CA ASP A 324 31.20 4.74 -26.70
C ASP A 324 30.04 5.52 -27.33
N ASP A 325 29.46 6.46 -26.60
CA ASP A 325 28.36 7.28 -27.13
C ASP A 325 28.33 8.64 -26.44
N ASP A 326 29.33 9.47 -26.75
CA ASP A 326 29.52 10.75 -26.07
C ASP A 326 28.35 11.74 -26.17
N ASP A 327 27.55 11.64 -27.23
CA ASP A 327 26.41 12.55 -27.44
C ASP A 327 25.20 12.11 -26.66
N ALA A 328 25.18 10.83 -26.31
CA ALA A 328 24.02 10.22 -25.66
C ALA A 328 22.87 10.01 -26.65
N ALA A 329 23.16 10.13 -27.94
CA ALA A 329 22.16 9.85 -28.95
C ALA A 329 21.19 8.75 -28.52
N GLU A 330 21.72 7.58 -28.16
CA GLU A 330 20.84 6.43 -27.85
C GLU A 330 19.94 6.71 -26.65
N TRP A 331 20.47 7.44 -25.68
CA TRP A 331 19.75 7.76 -24.45
C TRP A 331 18.72 8.85 -24.65
N ILE A 332 19.04 9.82 -25.50
CA ILE A 332 18.11 10.88 -25.88
C ILE A 332 16.91 10.30 -26.61
N GLU A 333 17.14 9.23 -27.37
CA GLU A 333 16.13 8.70 -28.28
C GLU A 333 15.22 7.65 -27.62
N SER A 334 15.54 7.23 -26.41
CA SER A 334 14.76 6.17 -25.76
C SER A 334 13.72 6.72 -24.81
N ASP A 335 12.89 5.85 -24.24
CA ASP A 335 11.86 6.29 -23.31
C ASP A 335 12.46 6.55 -21.93
N ASP A 336 11.63 7.01 -21.01
CA ASP A 336 12.10 7.42 -19.69
C ASP A 336 12.15 6.24 -18.70
N THR A 337 12.65 5.09 -19.16
CA THR A 337 12.99 3.98 -18.27
C THR A 337 14.52 3.87 -18.16
N ASP A 338 14.99 3.03 -17.23
CA ASP A 338 16.44 2.80 -17.01
C ASP A 338 17.07 1.93 -18.10
N ASP A 339 18.32 2.22 -18.45
CA ASP A 339 19.06 1.37 -19.39
C ASP A 339 19.71 0.22 -18.62
N GLU A 340 19.22 -0.99 -18.85
CA GLU A 340 19.66 -2.15 -18.08
C GLU A 340 21.04 -2.64 -18.49
N GLU A 341 21.62 -2.01 -19.52
CA GLU A 341 23.01 -2.23 -19.91
C GLU A 341 23.98 -1.53 -18.96
N GLU A 342 23.49 -0.54 -18.22
CA GLU A 342 24.36 0.22 -17.33
C GLU A 342 24.39 -0.42 -15.95
N VAL A 343 25.05 -1.59 -15.93
CA VAL A 343 25.07 -2.51 -14.81
C VAL A 343 25.83 -1.94 -13.65
N THR A 344 27.07 -1.54 -13.88
CA THR A 344 27.93 -1.06 -12.82
C THR A 344 27.37 0.23 -12.24
N TYR A 345 26.85 1.08 -13.11
CA TYR A 345 26.17 2.31 -12.68
C TYR A 345 25.00 2.01 -11.75
N ASP A 346 24.18 1.03 -12.10
CA ASP A 346 23.00 0.74 -11.28
C ASP A 346 23.38 0.18 -9.93
N HIS A 347 24.34 -0.74 -9.94
CA HIS A 347 24.96 -1.28 -8.72
C HIS A 347 25.56 -0.22 -7.82
N ALA A 348 26.32 0.71 -8.41
CA ALA A 348 26.96 1.77 -7.63
C ALA A 348 25.91 2.67 -6.96
N ARG A 349 24.81 2.94 -7.66
CA ARG A 349 23.75 3.80 -7.12
C ARG A 349 23.13 3.21 -5.90
N GLN A 350 22.78 1.93 -5.96
CA GLN A 350 22.08 1.32 -4.85
C GLN A 350 23.03 1.05 -3.69
N ALA A 351 24.31 0.80 -4.00
CA ALA A 351 25.35 0.64 -2.96
C ALA A 351 25.56 1.91 -2.14
N LEU A 352 25.76 3.04 -2.81
CA LEU A 352 25.96 4.29 -2.10
C LEU A 352 24.73 4.58 -1.22
N ASP A 353 23.54 4.41 -1.78
CA ASP A 353 22.33 4.60 -1.02
C ASP A 353 22.36 3.72 0.22
N ARG A 354 22.61 2.43 0.02
CA ARG A 354 22.59 1.49 1.12
C ARG A 354 23.56 1.86 2.26
N VAL A 355 24.80 2.18 1.91
CA VAL A 355 25.78 2.59 2.91
C VAL A 355 25.36 3.88 3.60
N ALA A 356 24.95 4.89 2.84
CA ALA A 356 24.53 6.14 3.44
C ALA A 356 23.41 5.92 4.47
N LEU A 357 22.45 5.07 4.16
CA LEU A 357 21.34 4.81 5.07
C LEU A 357 21.83 4.19 6.37
N LYS A 358 22.86 3.35 6.28
CA LYS A 358 23.41 2.66 7.44
C LYS A 358 24.35 3.51 8.28
N LEU A 359 25.20 4.31 7.64
CA LEU A 359 26.25 5.03 8.36
C LEU A 359 25.93 6.50 8.74
N GLY A 360 25.05 7.17 8.00
CA GLY A 360 24.66 8.55 8.32
C GLY A 360 25.61 9.59 7.74
N GLY A 361 25.21 10.85 7.84
CA GLY A 361 25.95 11.97 7.21
C GLY A 361 27.14 12.40 8.02
N GLU A 362 26.99 12.36 9.34
CA GLU A 362 28.09 12.64 10.26
C GLU A 362 29.34 12.01 9.72
N TYR A 363 29.22 10.71 9.49
CA TYR A 363 30.32 9.98 9.00
C TYR A 363 30.61 10.21 7.49
N LEU A 364 29.60 10.28 6.63
CA LEU A 364 29.90 10.30 5.18
C LEU A 364 29.92 11.62 4.46
N ALA A 365 29.39 12.70 5.04
CA ALA A 365 29.26 13.94 4.26
C ALA A 365 30.62 14.44 3.80
N ALA A 366 31.57 14.45 4.73
CA ALA A 366 32.92 14.90 4.44
C ALA A 366 33.52 14.14 3.24
N PRO A 367 33.66 12.81 3.34
CA PRO A 367 34.26 12.11 2.18
C PRO A 367 33.46 12.32 0.89
N LEU A 368 32.14 12.35 1.04
CA LEU A 368 31.26 12.59 -0.09
C LEU A 368 31.59 13.91 -0.74
N PHE A 369 31.54 14.98 0.05
CA PHE A 369 31.76 16.31 -0.50
C PHE A 369 33.16 16.51 -1.06
N GLN A 370 34.17 15.90 -0.44
CA GLN A 370 35.55 16.02 -0.93
C GLN A 370 35.61 15.69 -2.41
N TYR A 371 34.84 14.68 -2.80
CA TYR A 371 34.85 14.23 -4.16
C TYR A 371 33.91 15.00 -5.09
N LEU A 372 32.73 15.34 -4.59
CA LEU A 372 31.77 16.07 -5.41
C LEU A 372 32.35 17.41 -5.89
N GLN A 373 32.98 18.14 -4.97
CA GLN A 373 33.57 19.47 -5.28
C GLN A 373 34.42 19.37 -6.52
N GLN A 374 35.14 18.25 -6.61
CA GLN A 374 36.09 18.00 -7.69
C GLN A 374 35.38 17.64 -9.00
N MSE A 375 34.43 16.73 -8.91
CA MSE A 375 33.79 16.22 -10.11
C MSE A 375 32.81 17.15 -10.72
O MSE A 375 32.65 17.15 -11.93
CB MSE A 375 33.20 14.88 -9.78
CG MSE A 375 34.46 14.04 -9.70
SE MSE A 375 34.10 12.14 -9.75
CE MSE A 375 32.23 11.98 -10.37
N ILE A 376 32.16 17.98 -9.92
CA ILE A 376 31.32 19.03 -10.49
C ILE A 376 32.09 19.88 -11.55
N THR A 377 33.40 20.07 -11.36
CA THR A 377 34.24 20.91 -12.25
C THR A 377 35.04 20.19 -13.35
N SER A 378 34.96 18.86 -13.42
CA SER A 378 35.69 18.11 -14.46
C SER A 378 35.18 18.47 -15.87
N THR A 379 36.04 18.26 -16.86
CA THR A 379 35.69 18.45 -18.27
C THR A 379 35.05 17.21 -18.84
N GLU A 380 34.99 16.16 -18.09
CA GLU A 380 34.29 15.01 -18.60
C GLU A 380 32.83 15.11 -18.14
N TRP A 381 31.88 15.09 -19.08
CA TRP A 381 30.44 15.23 -18.71
C TRP A 381 29.99 14.08 -17.79
N ARG A 382 30.46 12.88 -18.11
CA ARG A 382 30.15 11.70 -17.32
C ARG A 382 30.44 11.89 -15.83
N GLU A 383 31.46 12.68 -15.50
CA GLU A 383 31.82 12.97 -14.09
C GLU A 383 30.92 14.03 -13.45
N ARG A 384 30.41 14.96 -14.27
CA ARG A 384 29.46 15.96 -13.79
C ARG A 384 28.11 15.27 -13.50
N PHE A 385 27.72 14.35 -14.37
CA PHE A 385 26.54 13.50 -14.16
C PHE A 385 26.73 12.65 -12.89
N ALA A 386 27.80 11.88 -12.88
CA ALA A 386 28.11 11.01 -11.75
C ALA A 386 27.95 11.74 -10.42
N ALA A 387 28.38 12.99 -10.38
CA ALA A 387 28.29 13.79 -9.17
C ALA A 387 26.83 13.96 -8.73
N MSE A 388 25.96 14.21 -9.70
CA MSE A 388 24.54 14.42 -9.41
C MSE A 388 23.94 13.13 -8.91
O MSE A 388 23.26 13.11 -7.87
CB MSE A 388 23.79 14.94 -10.65
CG MSE A 388 24.36 16.23 -11.24
SE MSE A 388 24.22 17.73 -9.98
CE MSE A 388 25.91 17.60 -9.01
N MSE A 389 24.19 12.04 -9.62
CA MSE A 389 23.63 10.75 -9.24
C MSE A 389 24.16 10.28 -7.92
O MSE A 389 23.42 9.67 -7.16
CB MSE A 389 23.81 9.69 -10.31
CG MSE A 389 23.08 10.03 -11.61
SE MSE A 389 21.26 10.80 -11.46
CE MSE A 389 20.10 9.25 -11.78
N ALA A 390 25.43 10.55 -7.60
CA ALA A 390 25.97 10.17 -6.28
C ALA A 390 25.31 10.92 -5.13
N LEU A 391 25.11 12.22 -5.30
CA LEU A 391 24.39 13.03 -4.32
C LEU A 391 22.95 12.51 -4.13
N SER A 392 22.33 12.20 -5.26
CA SER A 392 21.00 11.65 -5.31
C SER A 392 20.90 10.40 -4.47
N SER A 393 21.92 9.55 -4.57
CA SER A 393 21.93 8.25 -3.87
C SER A 393 22.18 8.42 -2.37
N ALA A 394 23.01 9.40 -2.03
CA ALA A 394 23.42 9.59 -0.64
C ALA A 394 22.45 10.45 0.20
N ALA A 395 21.62 11.24 -0.47
CA ALA A 395 20.83 12.27 0.19
C ALA A 395 19.97 11.82 1.37
N GLU A 396 19.22 10.73 1.22
CA GLU A 396 18.35 10.32 2.32
C GLU A 396 19.14 9.87 3.54
N GLY A 397 20.10 8.97 3.33
CA GLY A 397 20.91 8.45 4.43
C GLY A 397 21.72 9.52 5.16
N CYS A 398 22.17 10.52 4.40
CA CYS A 398 22.91 11.64 4.94
C CYS A 398 22.05 12.86 5.32
N ALA A 399 20.73 12.72 5.34
CA ALA A 399 19.82 13.85 5.61
C ALA A 399 20.07 14.56 6.94
N ASP A 400 20.38 13.77 7.96
CA ASP A 400 20.68 14.29 9.31
C ASP A 400 21.70 15.44 9.32
N VAL A 401 22.65 15.43 8.39
CA VAL A 401 23.61 16.52 8.20
C VAL A 401 23.23 17.45 7.04
N LEU A 402 22.84 16.86 5.91
CA LEU A 402 22.66 17.64 4.68
C LEU A 402 21.43 18.55 4.71
N ILE A 403 20.51 18.30 5.63
CA ILE A 403 19.31 19.14 5.72
C ILE A 403 19.68 20.57 6.15
N GLY A 404 20.90 20.72 6.69
CA GLY A 404 21.46 22.03 7.02
C GLY A 404 22.50 22.66 6.09
N GLU A 405 23.12 21.86 5.19
CA GLU A 405 24.20 22.33 4.26
C GLU A 405 23.60 22.60 2.86
N ILE A 406 22.42 23.17 2.95
CA ILE A 406 21.46 23.15 1.91
C ILE A 406 21.80 24.23 0.86
N PRO A 407 22.11 25.47 1.29
CA PRO A 407 22.64 26.39 0.27
C PRO A 407 23.89 25.87 -0.43
N LYS A 408 24.80 25.26 0.31
CA LYS A 408 26.05 24.71 -0.25
C LYS A 408 25.77 23.71 -1.37
N ILE A 409 24.84 22.79 -1.10
CA ILE A 409 24.40 21.80 -2.09
C ILE A 409 23.83 22.45 -3.36
N LEU A 410 22.96 23.44 -3.20
CA LEU A 410 22.37 24.10 -4.35
C LEU A 410 23.44 24.87 -5.14
N ASP A 411 24.41 25.45 -4.42
CA ASP A 411 25.55 26.14 -5.06
C ASP A 411 26.33 25.21 -6.00
N MSE A 412 26.39 23.91 -5.71
CA MSE A 412 27.06 22.96 -6.60
C MSE A 412 26.17 22.44 -7.70
O MSE A 412 26.61 22.25 -8.83
CB MSE A 412 27.46 21.67 -5.90
CG MSE A 412 28.25 21.89 -4.64
SE MSE A 412 28.44 20.10 -3.87
CE MSE A 412 29.32 20.89 -2.28
N VAL A 413 24.91 22.18 -7.35
CA VAL A 413 24.00 21.45 -8.23
C VAL A 413 23.47 22.39 -9.31
N ILE A 414 22.93 23.52 -8.87
CA ILE A 414 22.14 24.36 -9.76
C ILE A 414 22.97 24.94 -10.92
N PRO A 415 24.27 25.27 -10.68
CA PRO A 415 25.07 25.64 -11.86
C PRO A 415 25.03 24.62 -13.00
N LEU A 416 24.94 23.32 -12.66
CA LEU A 416 24.95 22.26 -13.68
C LEU A 416 23.65 22.11 -14.46
N ILE A 417 22.55 22.66 -13.95
CA ILE A 417 21.25 22.63 -14.63
C ILE A 417 21.35 23.02 -16.13
N ASN A 418 22.34 23.84 -16.48
CA ASN A 418 22.53 24.28 -17.86
C ASN A 418 23.77 23.69 -18.55
N ASP A 419 24.25 22.56 -18.04
CA ASP A 419 25.39 21.87 -18.64
C ASP A 419 25.16 21.67 -20.14
N PRO A 420 26.21 21.83 -20.94
CA PRO A 420 26.04 21.61 -22.37
C PRO A 420 25.51 20.21 -22.71
N HIS A 421 25.47 19.32 -21.72
CA HIS A 421 25.20 17.91 -21.93
C HIS A 421 23.88 17.46 -21.29
N PRO A 422 22.92 16.97 -22.08
CA PRO A 422 21.59 16.79 -21.52
C PRO A 422 21.47 15.77 -20.38
N ARG A 423 22.29 14.72 -20.37
CA ARG A 423 22.24 13.78 -19.26
C ARG A 423 22.74 14.40 -17.94
N VAL A 424 23.65 15.38 -17.99
CA VAL A 424 24.08 16.10 -16.77
C VAL A 424 22.91 16.97 -16.27
N GLN A 425 22.16 17.51 -17.21
CA GLN A 425 20.97 18.30 -16.90
C GLN A 425 19.93 17.46 -16.17
N TYR A 426 19.58 16.33 -16.78
CA TYR A 426 18.64 15.39 -16.20
C TYR A 426 19.12 15.02 -14.81
N GLY A 427 20.41 14.71 -14.69
CA GLY A 427 21.01 14.40 -13.39
C GLY A 427 20.76 15.44 -12.32
N CYS A 428 20.86 16.70 -12.70
CA CYS A 428 20.66 17.81 -11.77
C CYS A 428 19.17 17.93 -11.38
N CYS A 429 18.28 17.71 -12.34
CA CYS A 429 16.85 17.64 -12.06
C CYS A 429 16.57 16.56 -11.03
N ASN A 430 17.21 15.42 -11.23
CA ASN A 430 17.01 14.29 -10.34
C ASN A 430 17.31 14.66 -8.89
N VAL A 431 18.42 15.37 -8.67
CA VAL A 431 18.82 15.76 -7.30
C VAL A 431 17.84 16.72 -6.68
N LEU A 432 17.43 17.71 -7.46
CA LEU A 432 16.49 18.70 -6.95
C LEU A 432 15.18 18.00 -6.57
N GLY A 433 14.76 17.04 -7.37
CA GLY A 433 13.59 16.23 -7.06
C GLY A 433 13.78 15.43 -5.79
N GLN A 434 14.91 14.74 -5.70
CA GLN A 434 15.14 13.83 -4.59
C GLN A 434 15.19 14.59 -3.26
N ILE A 435 15.89 15.72 -3.24
CA ILE A 435 16.02 16.44 -1.99
C ILE A 435 14.78 17.24 -1.66
N SER A 436 13.97 17.59 -2.66
CA SER A 436 12.69 18.20 -2.34
C SER A 436 11.85 17.26 -1.48
N THR A 437 12.06 15.96 -1.68
CA THR A 437 11.41 14.96 -0.84
C THR A 437 12.14 14.81 0.48
N ASP A 438 13.44 14.57 0.41
CA ASP A 438 14.20 14.12 1.57
C ASP A 438 14.45 15.22 2.63
N PHE A 439 14.51 16.48 2.22
CA PHE A 439 14.71 17.58 3.17
C PHE A 439 13.42 18.39 3.39
N SER A 440 12.27 17.84 3.00
CA SER A 440 10.99 18.51 3.18
C SER A 440 10.59 18.49 4.65
N PRO A 441 9.78 19.49 5.09
CA PRO A 441 9.28 20.70 4.42
C PRO A 441 10.23 21.91 4.50
N PHE A 442 11.42 21.73 5.07
CA PHE A 442 12.35 22.84 5.31
C PHE A 442 12.92 23.40 4.02
N ILE A 443 13.16 22.52 3.05
CA ILE A 443 13.72 22.96 1.77
C ILE A 443 12.70 23.80 0.96
N GLN A 444 11.43 23.42 1.06
CA GLN A 444 10.38 24.18 0.40
C GLN A 444 10.35 25.61 0.94
N ARG A 445 10.50 25.76 2.25
CA ARG A 445 10.51 27.09 2.91
C ARG A 445 11.68 27.97 2.54
N THR A 446 12.86 27.37 2.38
CA THR A 446 14.08 28.16 2.27
C THR A 446 14.72 28.21 0.90
N ALA A 447 14.32 27.34 -0.03
CA ALA A 447 14.98 27.30 -1.32
C ALA A 447 14.04 27.36 -2.52
N HIS A 448 12.77 27.66 -2.26
CA HIS A 448 11.79 27.78 -3.35
C HIS A 448 12.22 28.79 -4.42
N ASP A 449 12.83 29.88 -3.97
CA ASP A 449 13.32 30.97 -4.80
C ASP A 449 14.43 30.55 -5.77
N ARG A 450 15.17 29.50 -5.42
CA ARG A 450 16.22 28.94 -6.29
C ARG A 450 15.75 27.71 -7.05
N ILE A 451 15.04 26.82 -6.37
CA ILE A 451 14.66 25.53 -6.97
C ILE A 451 13.61 25.68 -8.09
N LEU A 452 12.51 26.36 -7.82
CA LEU A 452 11.43 26.44 -8.81
C LEU A 452 11.87 27.07 -10.14
N PRO A 453 12.52 28.25 -10.10
CA PRO A 453 13.01 28.84 -11.36
C PRO A 453 13.93 27.91 -12.14
N ALA A 454 14.85 27.27 -11.42
CA ALA A 454 15.75 26.28 -12.00
C ALA A 454 14.96 25.19 -12.71
N LEU A 455 14.04 24.53 -12.02
CA LEU A 455 13.28 23.44 -12.66
C LEU A 455 12.39 23.95 -13.78
N ILE A 456 11.69 25.05 -13.52
CA ILE A 456 10.84 25.65 -14.53
C ILE A 456 11.60 26.01 -15.81
N SER A 457 12.85 26.46 -15.72
CA SER A 457 13.62 26.75 -16.92
C SER A 457 13.89 25.49 -17.77
N LYS A 458 13.88 24.32 -17.15
CA LYS A 458 14.08 23.09 -17.91
C LYS A 458 12.80 22.65 -18.64
N LEU A 459 11.67 23.28 -18.36
CA LEU A 459 10.44 22.89 -19.03
C LEU A 459 10.37 23.33 -20.49
N THR A 460 11.14 24.33 -20.88
CA THR A 460 11.02 24.95 -22.22
C THR A 460 11.38 23.93 -23.29
N SER A 461 10.77 24.06 -24.48
CA SER A 461 10.99 23.09 -25.55
C SER A 461 12.37 23.26 -26.21
N GLU A 462 13.10 24.27 -25.78
CA GLU A 462 14.54 24.33 -26.02
C GLU A 462 15.22 23.03 -25.54
N CYS A 463 14.90 22.60 -24.31
CA CYS A 463 15.45 21.37 -23.72
C CYS A 463 14.95 20.08 -24.35
N THR A 464 15.66 19.01 -24.03
CA THR A 464 15.38 17.73 -24.63
C THR A 464 14.20 17.07 -23.90
N SER A 465 13.47 16.19 -24.59
CA SER A 465 12.26 15.58 -24.04
C SER A 465 12.49 14.99 -22.66
N ARG A 466 13.55 14.20 -22.53
CA ARG A 466 13.90 13.56 -21.26
C ARG A 466 14.11 14.56 -20.15
N VAL A 467 14.75 15.69 -20.46
CA VAL A 467 15.03 16.68 -19.43
C VAL A 467 13.72 17.39 -19.05
N GLN A 468 12.90 17.77 -20.03
CA GLN A 468 11.63 18.46 -19.72
C GLN A 468 10.82 17.59 -18.80
N THR A 469 10.70 16.32 -19.16
CA THR A 469 9.95 15.36 -18.39
C THR A 469 10.47 15.21 -16.97
N HIS A 470 11.79 15.07 -16.82
CA HIS A 470 12.35 14.81 -15.49
C HIS A 470 12.21 16.05 -14.59
N ALA A 471 12.41 17.24 -15.16
CA ALA A 471 12.18 18.48 -14.43
C ALA A 471 10.72 18.58 -13.98
N ALA A 472 9.79 18.23 -14.87
CA ALA A 472 8.35 18.21 -14.54
C ALA A 472 8.04 17.25 -13.39
N ALA A 473 8.71 16.10 -13.40
CA ALA A 473 8.58 15.14 -12.31
C ALA A 473 9.07 15.77 -11.05
N ALA A 474 10.24 16.41 -11.10
CA ALA A 474 10.84 16.98 -9.89
C ALA A 474 9.97 18.09 -9.30
N LEU A 475 9.15 18.73 -10.13
CA LEU A 475 8.24 19.75 -9.63
C LEU A 475 7.13 19.12 -8.80
N VAL A 476 6.83 17.85 -9.05
CA VAL A 476 5.87 17.13 -8.24
C VAL A 476 6.47 16.88 -6.85
N ASN A 477 7.70 16.37 -6.77
CA ASN A 477 8.36 16.18 -5.47
C ASN A 477 8.33 17.50 -4.66
N PHE A 478 8.70 18.61 -5.29
CA PHE A 478 8.70 19.88 -4.59
C PHE A 478 7.29 20.29 -4.13
N SER A 479 6.30 20.22 -5.01
CA SER A 479 4.93 20.65 -4.69
C SER A 479 4.29 19.83 -3.57
N GLU A 480 4.69 18.58 -3.45
CA GLU A 480 4.13 17.66 -2.46
C GLU A 480 4.10 18.28 -1.09
N PHE A 481 5.11 19.08 -0.77
CA PHE A 481 5.25 19.68 0.56
C PHE A 481 5.32 21.23 0.57
N ALA A 482 4.92 21.88 -0.54
CA ALA A 482 4.86 23.37 -0.72
C ALA A 482 3.45 23.97 -0.53
N SER A 483 3.36 25.04 0.27
CA SER A 483 2.09 25.72 0.48
C SER A 483 1.66 26.46 -0.78
N LYS A 484 0.36 26.67 -0.91
CA LYS A 484 -0.20 27.36 -2.07
C LYS A 484 0.39 28.76 -2.23
N ASP A 485 0.67 29.44 -1.11
CA ASP A 485 1.23 30.81 -1.14
C ASP A 485 2.59 30.88 -1.84
N ILE A 486 3.45 29.90 -1.54
CA ILE A 486 4.77 29.81 -2.16
C ILE A 486 4.66 29.54 -3.65
N LEU A 487 3.75 28.66 -4.05
CA LEU A 487 3.62 28.30 -5.47
C LEU A 487 2.98 29.41 -6.31
N GLU A 488 2.12 30.22 -5.68
CA GLU A 488 1.27 31.18 -6.41
C GLU A 488 1.98 32.03 -7.47
N PRO A 489 3.06 32.75 -7.11
CA PRO A 489 3.67 33.57 -8.16
C PRO A 489 4.32 32.76 -9.30
N TYR A 490 4.41 31.45 -9.17
CA TYR A 490 5.08 30.63 -10.20
C TYR A 490 4.10 29.88 -11.10
N LEU A 491 2.80 29.95 -10.80
CA LEU A 491 1.83 29.10 -11.47
C LEU A 491 1.65 29.41 -12.94
N ASP A 492 1.52 30.69 -13.30
CA ASP A 492 1.29 31.03 -14.71
C ASP A 492 2.45 30.56 -15.58
N SER A 493 3.66 30.78 -15.07
CA SER A 493 4.89 30.28 -15.66
C SER A 493 4.91 28.74 -15.77
N LEU A 494 4.60 28.06 -14.68
CA LEU A 494 4.42 26.60 -14.70
C LEU A 494 3.41 26.19 -15.74
N LEU A 495 2.25 26.82 -15.76
CA LEU A 495 1.18 26.40 -16.66
C LEU A 495 1.52 26.67 -18.12
N THR A 496 2.01 27.87 -18.44
CA THR A 496 2.29 28.17 -19.84
C THR A 496 3.31 27.15 -20.39
N ASN A 497 4.36 26.85 -19.63
CA ASN A 497 5.32 25.82 -20.03
C ASN A 497 4.73 24.39 -20.18
N LEU A 498 3.90 23.95 -19.23
CA LEU A 498 3.33 22.60 -19.28
C LEU A 498 2.41 22.43 -20.48
N LEU A 499 1.72 23.47 -20.90
CA LEU A 499 0.88 23.40 -22.12
C LEU A 499 1.71 23.06 -23.34
N VAL A 500 2.90 23.62 -23.42
CA VAL A 500 3.81 23.28 -24.51
C VAL A 500 4.20 21.80 -24.41
N LEU A 501 4.57 21.33 -23.21
CA LEU A 501 4.87 19.90 -23.00
C LEU A 501 3.68 19.05 -23.44
N LEU A 502 2.47 19.58 -23.21
CA LEU A 502 1.24 18.89 -23.58
C LEU A 502 1.19 18.66 -25.08
N GLN A 503 1.87 19.51 -25.84
CA GLN A 503 1.86 19.41 -27.30
C GLN A 503 2.96 18.54 -27.90
N SER A 504 3.76 17.87 -27.07
CA SER A 504 4.80 16.96 -27.54
C SER A 504 4.19 15.78 -28.26
N ASN A 505 4.97 15.17 -29.12
CA ASN A 505 4.47 14.08 -29.96
C ASN A 505 4.70 12.77 -29.25
N LYS A 506 5.45 12.84 -28.15
CA LYS A 506 5.78 11.66 -27.34
C LYS A 506 4.84 11.58 -26.14
N LEU A 507 4.39 10.38 -25.81
CA LEU A 507 3.40 10.14 -24.74
C LEU A 507 3.96 10.26 -23.31
N TYR A 508 5.21 9.87 -23.09
CA TYR A 508 5.80 9.93 -21.76
C TYR A 508 5.97 11.34 -21.26
N VAL A 509 5.88 12.30 -22.17
CA VAL A 509 5.88 13.73 -21.81
C VAL A 509 4.46 14.22 -21.62
N GLN A 510 3.56 13.80 -22.51
CA GLN A 510 2.13 14.13 -22.39
C GLN A 510 1.58 13.66 -21.05
N GLU A 511 1.99 12.46 -20.66
CA GLU A 511 1.50 11.81 -19.45
C GLU A 511 2.02 12.53 -18.22
N GLN A 512 3.33 12.80 -18.20
CA GLN A 512 3.94 13.46 -17.06
C GLN A 512 3.46 14.89 -16.93
N ALA A 513 3.14 15.52 -18.06
CA ALA A 513 2.56 16.88 -18.07
C ALA A 513 1.18 16.83 -17.44
N LEU A 514 0.38 15.86 -17.84
CA LEU A 514 -0.94 15.71 -17.24
C LEU A 514 -0.94 15.30 -15.74
N THR A 515 0.14 14.63 -15.30
CA THR A 515 0.29 14.31 -13.88
C THR A 515 0.49 15.59 -13.07
N THR A 516 1.28 16.51 -13.62
CA THR A 516 1.64 17.76 -12.95
C THR A 516 0.47 18.74 -12.96
N ILE A 517 -0.20 18.87 -14.10
CA ILE A 517 -1.36 19.76 -14.22
C ILE A 517 -2.45 19.30 -13.24
N ALA A 518 -2.58 18.00 -13.02
CA ALA A 518 -3.62 17.52 -12.13
C ALA A 518 -3.18 17.67 -10.66
N PHE A 519 -1.87 17.60 -10.42
CA PHE A 519 -1.29 17.88 -9.09
C PHE A 519 -1.45 19.34 -8.70
N ILE A 520 -1.36 20.23 -9.69
CA ILE A 520 -1.47 21.70 -9.53
C ILE A 520 -2.91 22.20 -9.63
N ALA A 521 -3.80 21.43 -10.25
CA ALA A 521 -5.22 21.82 -10.41
C ALA A 521 -5.90 22.33 -9.15
N GLU A 522 -5.45 21.86 -8.00
CA GLU A 522 -5.98 22.28 -6.70
C GLU A 522 -5.79 23.78 -6.47
N ALA A 523 -4.55 24.24 -6.70
CA ALA A 523 -4.17 25.64 -6.56
C ALA A 523 -4.76 26.47 -7.70
N ALA A 524 -4.41 26.11 -8.94
CA ALA A 524 -4.86 26.84 -10.12
C ALA A 524 -6.39 26.77 -10.43
N LYS A 525 -7.21 26.33 -9.47
CA LYS A 525 -8.69 26.36 -9.59
C LYS A 525 -9.22 27.64 -10.27
N ASN A 526 -8.41 28.69 -10.23
CA ASN A 526 -8.77 29.99 -10.80
C ASN A 526 -8.01 30.42 -12.04
N LYS A 527 -6.79 29.92 -12.22
CA LYS A 527 -5.94 30.34 -13.35
C LYS A 527 -6.13 29.53 -14.63
N PHE A 528 -7.15 28.67 -14.67
CA PHE A 528 -7.42 27.88 -15.87
C PHE A 528 -8.20 28.67 -16.91
N ILE A 529 -9.08 29.55 -16.43
CA ILE A 529 -9.96 30.32 -17.30
C ILE A 529 -9.10 31.04 -18.29
N LYS A 530 -7.94 31.43 -17.79
CA LYS A 530 -6.89 32.07 -18.55
C LYS A 530 -6.31 31.14 -19.60
N TYR A 531 -5.99 29.90 -19.23
CA TYR A 531 -5.33 28.97 -20.18
C TYR A 531 -6.28 28.01 -20.91
N TYR A 532 -7.52 28.03 -20.46
CA TYR A 532 -8.57 27.16 -20.94
C TYR A 532 -8.69 26.98 -22.42
N ASP A 533 -8.68 28.08 -23.16
CA ASP A 533 -9.01 27.99 -24.58
C ASP A 533 -7.94 27.29 -25.43
N THR A 534 -6.67 27.38 -25.03
CA THR A 534 -5.62 26.59 -25.71
C THR A 534 -5.50 25.17 -25.12
N LEU A 535 -5.68 25.01 -23.80
CA LEU A 535 -5.55 23.70 -23.12
C LEU A 535 -6.62 22.68 -23.48
N MSE A 536 -7.89 23.07 -23.42
CA MSE A 536 -8.96 22.08 -23.54
C MSE A 536 -8.94 21.29 -24.85
O MSE A 536 -9.19 20.08 -24.84
CB MSE A 536 -10.25 22.81 -23.22
CG MSE A 536 -11.48 21.93 -23.33
SE MSE A 536 -11.53 20.49 -21.97
CE MSE A 536 -10.75 21.30 -20.35
N PRO A 537 -8.63 21.94 -26.02
CA PRO A 537 -8.54 21.18 -27.27
C PRO A 537 -7.35 20.25 -27.34
N LEU A 538 -6.20 20.69 -26.80
CA LEU A 538 -5.03 19.79 -26.63
C LEU A 538 -5.40 18.56 -25.81
N LEU A 539 -6.26 18.75 -24.81
CA LEU A 539 -6.77 17.66 -23.99
C LEU A 539 -7.70 16.80 -24.80
N LEU A 540 -8.61 17.42 -25.55
CA LEU A 540 -9.52 16.63 -26.39
C LEU A 540 -8.76 15.82 -27.45
N ASN A 541 -7.69 16.39 -28.01
CA ASN A 541 -6.84 15.66 -28.95
C ASN A 541 -6.11 14.47 -28.36
N VAL A 542 -5.57 14.58 -27.15
CA VAL A 542 -5.02 13.39 -26.49
C VAL A 542 -6.08 12.27 -26.38
N LEU A 543 -7.30 12.64 -26.03
CA LEU A 543 -8.37 11.65 -25.86
C LEU A 543 -8.82 11.01 -27.16
N LYS A 544 -8.82 11.79 -28.25
CA LYS A 544 -9.26 11.27 -29.57
C LYS A 544 -8.14 10.39 -30.17
N ASN A 550 -2.58 3.33 -23.53
CA ASN A 550 -2.30 4.51 -22.71
C ASN A 550 -3.49 4.85 -21.82
N SER A 551 -4.27 3.82 -21.50
CA SER A 551 -5.40 3.95 -20.58
C SER A 551 -5.07 4.94 -19.48
N VAL A 552 -3.88 4.84 -18.94
CA VAL A 552 -3.39 5.78 -17.91
C VAL A 552 -3.35 7.24 -18.38
N LEU A 553 -2.86 7.42 -19.61
CA LEU A 553 -2.82 8.73 -20.28
C LEU A 553 -4.24 9.32 -20.39
N LYS A 554 -5.12 8.54 -21.00
CA LYS A 554 -6.47 8.96 -21.33
C LYS A 554 -7.22 9.34 -20.06
N GLY A 555 -7.07 8.51 -19.02
CA GLY A 555 -7.73 8.78 -17.76
C GLY A 555 -7.25 10.08 -17.13
N LYS A 556 -5.94 10.21 -16.98
CA LYS A 556 -5.37 11.46 -16.46
C LYS A 556 -5.80 12.69 -17.28
N CYS A 557 -5.94 12.50 -18.58
CA CYS A 557 -6.43 13.53 -19.48
C CYS A 557 -7.90 13.90 -19.20
N MSE A 558 -8.76 12.89 -19.14
CA MSE A 558 -10.14 13.06 -18.64
C MSE A 558 -10.23 13.86 -17.37
O MSE A 558 -10.99 14.82 -17.25
CB MSE A 558 -10.63 11.72 -18.15
CG MSE A 558 -11.76 11.16 -18.98
SE MSE A 558 -11.96 9.34 -18.24
CE MSE A 558 -11.11 8.53 -19.83
N GLU A 559 -9.41 13.46 -16.41
CA GLU A 559 -9.47 14.11 -15.14
C GLU A 559 -9.03 15.56 -15.21
N CYS A 560 -7.93 15.87 -15.90
CA CYS A 560 -7.57 17.28 -16.12
C CYS A 560 -8.73 17.97 -16.80
N ALA A 561 -9.23 17.41 -17.91
CA ALA A 561 -10.35 18.02 -18.62
C ALA A 561 -11.51 18.40 -17.70
N THR A 562 -12.01 17.46 -16.88
CA THR A 562 -13.17 17.82 -16.03
C THR A 562 -12.85 18.73 -14.83
N LEU A 563 -11.66 18.59 -14.26
CA LEU A 563 -11.15 19.55 -13.26
C LEU A 563 -11.05 20.96 -13.87
N ILE A 564 -10.52 21.10 -15.08
CA ILE A 564 -10.49 22.41 -15.76
C ILE A 564 -11.91 22.92 -15.99
N GLY A 565 -12.81 22.05 -16.43
CA GLY A 565 -14.20 22.41 -16.56
C GLY A 565 -14.88 22.91 -15.30
N PHE A 566 -14.54 22.33 -14.14
CA PHE A 566 -15.09 22.79 -12.88
C PHE A 566 -14.47 24.13 -12.54
N ALA A 567 -13.15 24.24 -12.79
CA ALA A 567 -12.37 25.42 -12.48
C ALA A 567 -12.88 26.65 -13.21
N VAL A 568 -13.26 26.48 -14.48
CA VAL A 568 -13.71 27.60 -15.33
C VAL A 568 -15.21 27.76 -15.35
N GLY A 569 -15.91 26.83 -14.71
CA GLY A 569 -17.35 26.95 -14.54
C GLY A 569 -18.13 26.55 -15.77
N LYS A 570 -19.42 26.30 -15.56
CA LYS A 570 -20.30 25.70 -16.57
C LYS A 570 -20.40 26.41 -17.93
N GLU A 571 -20.57 27.73 -17.94
CA GLU A 571 -20.78 28.46 -19.19
C GLU A 571 -19.59 28.33 -20.11
N LYS A 572 -18.40 28.63 -19.61
CA LYS A 572 -17.18 28.36 -20.38
C LYS A 572 -17.00 26.85 -20.69
N PHE A 573 -17.38 25.95 -19.78
CA PHE A 573 -17.27 24.49 -20.04
C PHE A 573 -18.15 24.04 -21.20
N HIS A 574 -19.27 24.72 -21.44
CA HIS A 574 -20.20 24.37 -22.54
C HIS A 574 -19.56 24.41 -23.94
N GLU A 575 -18.48 25.19 -24.08
CA GLU A 575 -17.79 25.30 -25.36
C GLU A 575 -17.21 23.96 -25.83
N HIS A 576 -16.93 23.04 -24.92
CA HIS A 576 -16.47 21.73 -25.32
C HIS A 576 -17.15 20.57 -24.62
N SER A 577 -18.20 20.84 -23.83
CA SER A 577 -18.86 19.82 -23.03
C SER A 577 -19.43 18.71 -23.90
N GLN A 578 -20.02 19.07 -25.03
CA GLN A 578 -20.72 18.11 -25.92
C GLN A 578 -19.70 17.17 -26.53
N GLU A 579 -18.54 17.70 -26.90
CA GLU A 579 -17.46 16.88 -27.44
C GLU A 579 -16.91 15.99 -26.39
N LEU A 580 -16.57 16.57 -25.23
CA LEU A 580 -16.11 15.77 -24.11
C LEU A 580 -17.08 14.64 -23.78
N ILE A 581 -18.36 14.97 -23.63
CA ILE A 581 -19.36 13.95 -23.37
C ILE A 581 -19.26 12.81 -24.38
N SER A 582 -19.18 13.12 -25.68
CA SER A 582 -19.29 12.10 -26.71
C SER A 582 -18.03 11.26 -26.75
N ILE A 583 -16.87 11.84 -26.50
CA ILE A 583 -15.68 11.00 -26.30
C ILE A 583 -15.78 10.05 -25.07
N LEU A 584 -16.22 10.59 -23.93
CA LEU A 584 -16.52 9.78 -22.72
C LEU A 584 -17.47 8.65 -23.04
N VAL A 585 -18.55 8.93 -23.76
CA VAL A 585 -19.51 7.86 -24.02
C VAL A 585 -18.87 6.76 -24.86
N ALA A 586 -18.21 7.15 -25.93
CA ALA A 586 -17.44 6.16 -26.71
C ALA A 586 -16.39 5.39 -25.86
N LEU A 587 -15.76 6.08 -24.89
CA LEU A 587 -14.72 5.48 -24.03
C LEU A 587 -15.30 4.43 -23.10
N GLN A 588 -16.48 4.68 -22.57
CA GLN A 588 -17.11 3.72 -21.71
C GLN A 588 -17.59 2.50 -22.45
N ASN A 589 -17.96 2.63 -23.70
CA ASN A 589 -18.46 1.49 -24.46
C ASN A 589 -17.43 0.81 -25.33
N SER A 590 -16.16 1.07 -25.04
CA SER A 590 -15.09 0.46 -25.80
C SER A 590 -14.60 -0.80 -25.08
N ASP A 591 -13.92 -1.72 -25.76
CA ASP A 591 -13.20 -2.82 -25.06
C ASP A 591 -12.14 -2.24 -24.08
N ASP A 596 -9.26 -1.23 -15.98
CA ASP A 596 -10.06 -0.98 -14.76
C ASP A 596 -9.58 0.30 -14.05
N ALA A 597 -8.34 0.71 -14.36
CA ALA A 597 -7.86 2.01 -13.92
C ALA A 597 -8.65 3.13 -14.64
N LEU A 598 -8.92 2.90 -15.92
CA LEU A 598 -9.68 3.82 -16.74
C LEU A 598 -11.11 3.90 -16.28
N ARG A 599 -11.70 2.74 -15.99
CA ARG A 599 -13.09 2.68 -15.56
C ARG A 599 -13.32 3.54 -14.28
N SER A 600 -12.32 3.68 -13.43
CA SER A 600 -12.51 4.48 -12.22
C SER A 600 -12.35 5.95 -12.52
N TYR A 601 -11.66 6.22 -13.61
CA TYR A 601 -11.61 7.59 -14.12
C TYR A 601 -12.91 7.99 -14.84
N LEU A 602 -13.54 7.09 -15.58
CA LEU A 602 -14.77 7.46 -16.29
C LEU A 602 -15.81 7.84 -15.27
N GLU A 603 -15.90 7.07 -14.19
CA GLU A 603 -16.95 7.23 -13.15
C GLU A 603 -16.81 8.52 -12.38
N GLN A 604 -15.57 8.88 -12.08
CA GLN A 604 -15.27 10.12 -11.35
C GLN A 604 -15.49 11.33 -12.20
N SER A 605 -15.16 11.18 -13.46
CA SER A 605 -15.38 12.22 -14.47
C SER A 605 -16.87 12.38 -14.77
N TRP A 606 -17.58 11.28 -15.03
CA TRP A 606 -19.02 11.40 -15.26
C TRP A 606 -19.60 12.21 -14.11
N SER A 607 -19.20 11.83 -12.90
CA SER A 607 -19.70 12.46 -11.69
C SER A 607 -19.34 13.94 -11.62
N ARG A 608 -18.10 14.31 -11.87
CA ARG A 608 -17.73 15.75 -11.92
C ARG A 608 -18.48 16.52 -13.00
N ILE A 609 -18.73 15.90 -14.15
CA ILE A 609 -19.56 16.56 -15.20
C ILE A 609 -20.95 16.86 -14.62
N CYS A 610 -21.52 15.91 -13.92
CA CYS A 610 -22.80 16.12 -13.20
C CYS A 610 -22.79 17.29 -12.20
N ARG A 611 -21.68 17.50 -11.52
CA ARG A 611 -21.59 18.61 -10.58
C ARG A 611 -21.49 19.93 -11.33
N ILE A 612 -20.94 19.91 -12.53
CA ILE A 612 -20.95 21.10 -13.40
C ILE A 612 -22.33 21.35 -14.04
N LEU A 613 -22.87 20.32 -14.64
CA LEU A 613 -24.01 20.47 -15.50
C LEU A 613 -25.35 20.64 -14.79
N GLY A 614 -25.40 20.29 -13.53
CA GLY A 614 -26.69 20.38 -12.82
C GLY A 614 -27.74 19.47 -13.45
N ASP A 615 -28.96 19.95 -13.59
CA ASP A 615 -30.00 19.10 -14.17
C ASP A 615 -29.79 18.91 -15.69
N ASP A 616 -28.82 19.60 -16.29
CA ASP A 616 -28.48 19.31 -17.70
C ASP A 616 -27.78 17.96 -17.92
N PHE A 617 -27.44 17.28 -16.83
CA PHE A 617 -26.94 15.91 -16.87
C PHE A 617 -28.07 14.89 -17.05
N VAL A 618 -29.31 15.27 -16.84
CA VAL A 618 -30.41 14.26 -16.83
C VAL A 618 -30.43 13.36 -18.03
N PRO A 619 -30.21 13.93 -19.21
CA PRO A 619 -30.32 13.02 -20.38
C PRO A 619 -29.20 11.98 -20.50
N LEU A 620 -28.07 12.22 -19.83
CA LEU A 620 -26.98 11.27 -19.76
C LEU A 620 -27.25 10.06 -18.87
N LEU A 621 -28.30 10.12 -18.04
CA LEU A 621 -28.50 9.06 -17.02
C LEU A 621 -28.59 7.67 -17.62
N PRO A 622 -29.30 7.50 -18.77
CA PRO A 622 -29.45 6.11 -19.20
C PRO A 622 -28.21 5.50 -19.74
N ILE A 623 -27.17 6.30 -19.92
CA ILE A 623 -25.89 5.82 -20.38
C ILE A 623 -25.05 5.50 -19.18
N VAL A 624 -25.07 6.41 -18.22
CA VAL A 624 -24.20 6.40 -17.02
C VAL A 624 -24.67 5.50 -15.84
N ILE A 625 -25.98 5.45 -15.59
CA ILE A 625 -26.50 4.70 -14.44
C ILE A 625 -26.48 3.17 -14.59
N PRO A 626 -26.94 2.62 -15.72
CA PRO A 626 -27.03 1.15 -15.74
C PRO A 626 -25.79 0.34 -15.42
N PRO A 627 -24.60 0.73 -15.92
CA PRO A 627 -23.40 0.05 -15.43
C PRO A 627 -23.24 0.09 -13.91
N LEU A 628 -23.53 1.22 -13.29
CA LEU A 628 -23.53 1.37 -11.86
C LEU A 628 -24.55 0.45 -11.16
N LEU A 629 -25.79 0.40 -11.64
CA LEU A 629 -26.73 -0.58 -11.17
C LEU A 629 -26.22 -2.02 -11.21
N ILE A 630 -25.63 -2.47 -12.32
CA ILE A 630 -25.13 -3.85 -12.42
C ILE A 630 -24.14 -4.09 -11.27
N THR A 631 -23.12 -3.26 -11.21
CA THR A 631 -22.18 -3.44 -10.14
C THR A 631 -22.82 -3.39 -8.72
N ALA A 632 -23.79 -2.52 -8.52
CA ALA A 632 -24.37 -2.30 -7.19
C ALA A 632 -25.31 -3.41 -6.78
N LYS A 633 -25.53 -4.40 -7.64
CA LYS A 633 -26.44 -5.49 -7.33
C LYS A 633 -25.67 -6.77 -7.10
N ALA A 634 -24.34 -6.68 -6.98
CA ALA A 634 -23.59 -7.87 -6.70
C ALA A 634 -24.19 -8.44 -5.39
N THR A 635 -24.36 -9.75 -5.40
CA THR A 635 -24.73 -10.54 -4.26
C THR A 635 -23.49 -10.79 -3.40
N GLN A 636 -23.68 -11.07 -2.10
CA GLN A 636 -22.58 -11.50 -1.18
C GLN A 636 -22.32 -12.90 -1.71
N ASP A 637 -21.12 -13.28 -2.03
CA ASP A 637 -21.03 -14.65 -2.53
C ASP A 637 -20.23 -15.53 -1.66
N VAL A 638 -20.94 -16.34 -0.92
CA VAL A 638 -20.30 -17.10 0.09
C VAL A 638 -20.32 -18.47 -0.42
N GLY A 639 -19.16 -19.12 -0.36
CA GLY A 639 -19.08 -20.46 -0.81
C GLY A 639 -18.20 -21.26 0.11
N LEU A 640 -18.43 -22.56 0.12
CA LEU A 640 -17.72 -23.47 0.91
C LEU A 640 -16.42 -23.71 0.20
N ILE A 641 -15.32 -23.47 0.88
CA ILE A 641 -14.03 -23.81 0.39
C ILE A 641 -13.69 -25.10 1.03
N GLU A 642 -12.82 -25.89 0.45
CA GLU A 642 -12.46 -27.16 1.06
C GLU A 642 -11.22 -27.07 1.93
N GLU A 643 -11.14 -27.87 2.97
CA GLU A 643 -9.90 -27.87 3.76
C GLU A 643 -8.82 -28.18 2.80
N GLU A 644 -7.66 -27.57 2.97
CA GLU A 644 -6.52 -27.73 2.04
C GLU A 644 -6.59 -26.71 0.89
N GLU A 645 -7.78 -26.57 0.29
CA GLU A 645 -8.00 -25.52 -0.67
C GLU A 645 -7.90 -24.15 0.03
N ALA A 646 -8.07 -24.12 1.34
CA ALA A 646 -8.04 -22.86 2.09
C ALA A 646 -6.63 -22.37 2.25
N ALA A 647 -5.68 -23.29 2.21
CA ALA A 647 -4.25 -22.97 2.36
C ALA A 647 -3.71 -22.17 1.17
N ASN A 648 -4.34 -22.34 0.02
CA ASN A 648 -3.90 -21.82 -1.23
C ASN A 648 -4.73 -20.63 -1.66
N PHE A 649 -5.92 -20.52 -1.12
CA PHE A 649 -6.78 -19.39 -1.40
C PHE A 649 -6.01 -18.14 -1.06
N GLN A 650 -4.98 -18.30 -0.25
CA GLN A 650 -4.12 -17.19 0.08
C GLN A 650 -3.56 -16.54 -1.18
N GLN A 651 -3.84 -17.12 -2.34
CA GLN A 651 -3.28 -16.61 -3.61
C GLN A 651 -4.32 -15.93 -4.48
N TYR A 652 -5.54 -15.88 -3.95
CA TYR A 652 -6.56 -14.99 -4.45
C TYR A 652 -6.64 -13.84 -3.43
N PRO A 653 -6.15 -12.63 -3.79
CA PRO A 653 -6.22 -11.53 -2.83
C PRO A 653 -7.53 -10.69 -2.87
N ASP A 654 -8.40 -11.00 -3.82
CA ASP A 654 -9.76 -10.43 -3.89
C ASP A 654 -10.79 -11.21 -3.04
N TRP A 655 -10.36 -12.35 -2.53
CA TRP A 655 -11.20 -13.21 -1.73
C TRP A 655 -10.72 -13.15 -0.32
N ASP A 656 -11.63 -13.36 0.63
CA ASP A 656 -11.26 -13.60 2.00
C ASP A 656 -11.98 -14.83 2.55
N VAL A 657 -11.34 -15.50 3.49
CA VAL A 657 -11.80 -16.79 4.00
C VAL A 657 -11.99 -16.68 5.47
N VAL A 658 -13.09 -17.20 6.00
CA VAL A 658 -13.18 -17.36 7.46
C VAL A 658 -13.57 -18.77 7.80
N GLN A 659 -13.12 -19.25 8.97
CA GLN A 659 -13.51 -20.59 9.44
C GLN A 659 -14.70 -20.51 10.40
N VAL A 660 -15.73 -21.33 10.21
CA VAL A 660 -16.92 -21.21 11.06
C VAL A 660 -17.04 -22.36 12.02
N GLN A 661 -17.27 -23.58 11.52
CA GLN A 661 -17.13 -24.71 12.47
C GLN A 661 -15.94 -25.60 12.15
N GLY A 662 -16.18 -26.67 11.40
CA GLY A 662 -15.09 -27.45 10.88
C GLY A 662 -14.91 -27.07 9.42
N LYS A 663 -15.51 -25.94 9.04
CA LYS A 663 -15.62 -25.56 7.66
C LYS A 663 -15.04 -24.17 7.46
N HIS A 664 -14.73 -23.89 6.20
CA HIS A 664 -14.26 -22.60 5.75
C HIS A 664 -15.20 -22.07 4.70
N ILE A 665 -15.51 -20.79 4.78
CA ILE A 665 -16.27 -20.12 3.77
C ILE A 665 -15.53 -18.88 3.25
N ALA A 666 -15.80 -18.52 1.98
CA ALA A 666 -15.13 -17.40 1.35
C ALA A 666 -16.08 -16.40 0.74
N ILE A 667 -15.79 -15.11 0.91
CA ILE A 667 -16.49 -14.04 0.15
C ILE A 667 -15.60 -13.43 -0.92
N HIS A 668 -16.21 -13.05 -2.05
CA HIS A 668 -15.47 -12.26 -3.05
C HIS A 668 -15.41 -10.79 -2.62
N THR A 669 -14.42 -10.48 -1.80
CA THR A 669 -14.42 -9.21 -1.11
C THR A 669 -14.28 -8.06 -2.08
N SER A 670 -13.37 -8.18 -3.04
CA SER A 670 -13.10 -7.11 -4.00
C SER A 670 -14.39 -6.70 -4.72
N VAL A 671 -15.09 -7.70 -5.22
CA VAL A 671 -16.37 -7.46 -5.87
C VAL A 671 -17.31 -6.68 -4.98
N LEU A 672 -17.32 -6.94 -3.67
CA LEU A 672 -18.19 -6.19 -2.75
C LEU A 672 -17.65 -4.80 -2.41
N ASP A 673 -16.34 -4.61 -2.44
CA ASP A 673 -15.79 -3.25 -2.35
C ASP A 673 -16.28 -2.42 -3.53
N ASP A 674 -16.31 -3.04 -4.71
CA ASP A 674 -16.78 -2.40 -5.92
C ASP A 674 -18.27 -2.09 -5.81
N LYS A 675 -19.03 -2.99 -5.24
CA LYS A 675 -20.41 -2.73 -4.92
C LYS A 675 -20.58 -1.46 -4.05
N VAL A 676 -19.81 -1.33 -2.99
CA VAL A 676 -19.87 -0.10 -2.19
C VAL A 676 -19.58 1.10 -3.08
N SER A 677 -18.47 1.06 -3.82
CA SER A 677 -18.11 2.10 -4.83
C SER A 677 -19.23 2.54 -5.75
N ALA A 678 -19.90 1.58 -6.32
CA ALA A 678 -21.03 1.88 -7.14
C ALA A 678 -22.13 2.57 -6.36
N MSE A 679 -22.41 2.12 -5.14
CA MSE A 679 -23.52 2.66 -4.31
C MSE A 679 -23.12 4.05 -3.93
O MSE A 679 -23.96 4.96 -3.88
CB MSE A 679 -23.77 1.77 -3.08
CG MSE A 679 -24.33 0.38 -3.41
SE MSE A 679 -24.21 -0.92 -1.92
CE MSE A 679 -25.59 0.01 -0.88
N GLU A 680 -21.83 4.29 -3.64
CA GLU A 680 -21.41 5.63 -3.25
C GLU A 680 -21.73 6.61 -4.40
N LEU A 681 -21.45 6.19 -5.67
CA LEU A 681 -21.82 6.95 -6.83
C LEU A 681 -23.34 7.10 -6.98
N LEU A 682 -24.10 6.04 -6.97
CA LEU A 682 -25.56 6.20 -7.09
C LEU A 682 -26.14 7.14 -6.04
N GLN A 683 -25.57 7.15 -4.84
CA GLN A 683 -26.06 8.00 -3.79
C GLN A 683 -25.76 9.45 -4.08
N SER A 684 -24.57 9.74 -4.60
CA SER A 684 -24.24 11.15 -4.96
C SER A 684 -24.94 11.62 -6.24
N TYR A 685 -25.32 10.72 -7.13
CA TYR A 685 -26.28 11.08 -8.16
C TYR A 685 -27.61 11.46 -7.59
N ALA A 686 -28.11 10.72 -6.63
CA ALA A 686 -29.47 10.96 -6.10
C ALA A 686 -29.50 12.24 -5.31
N THR A 687 -28.37 12.55 -4.70
CA THR A 687 -28.26 13.74 -3.87
C THR A 687 -28.29 14.99 -4.70
N LEU A 688 -27.54 14.96 -5.79
CA LEU A 688 -27.43 16.09 -6.75
C LEU A 688 -28.69 16.31 -7.54
N LEU A 689 -29.25 15.24 -8.06
CA LEU A 689 -30.38 15.32 -8.98
C LEU A 689 -31.79 15.37 -8.34
N ARG A 690 -31.88 15.19 -7.03
CA ARG A 690 -33.19 15.25 -6.31
C ARG A 690 -34.33 14.54 -7.05
N GLY A 691 -35.39 15.25 -7.37
CA GLY A 691 -36.59 14.65 -8.03
C GLY A 691 -36.28 13.98 -9.34
N GLN A 692 -35.27 14.48 -10.02
CA GLN A 692 -34.84 13.92 -11.30
C GLN A 692 -34.33 12.47 -11.24
N PHE A 693 -33.96 11.99 -10.04
CA PHE A 693 -33.49 10.63 -9.87
C PHE A 693 -34.59 9.67 -9.55
N ALA A 694 -35.78 10.18 -9.34
CA ALA A 694 -36.93 9.35 -8.93
C ALA A 694 -37.16 8.10 -9.76
N VAL A 695 -36.84 8.16 -11.03
CA VAL A 695 -37.04 7.00 -11.90
C VAL A 695 -36.32 5.79 -11.32
N TYR A 696 -35.16 6.03 -10.75
CA TYR A 696 -34.36 4.90 -10.25
C TYR A 696 -34.70 4.37 -8.84
N VAL A 697 -35.44 5.18 -8.05
CA VAL A 697 -35.68 4.94 -6.65
C VAL A 697 -36.16 3.55 -6.29
N LYS A 698 -37.29 3.10 -6.82
CA LYS A 698 -37.82 1.80 -6.43
C LYS A 698 -36.79 0.68 -6.72
N GLU A 699 -36.18 0.68 -7.88
CA GLU A 699 -35.22 -0.37 -8.22
C GLU A 699 -34.01 -0.29 -7.30
N VAL A 700 -33.51 0.91 -7.03
CA VAL A 700 -32.35 1.05 -6.21
C VAL A 700 -32.66 0.70 -4.75
N MSE A 701 -33.88 1.03 -4.33
CA MSE A 701 -34.34 0.77 -3.00
C MSE A 701 -34.43 -0.70 -2.78
O MSE A 701 -33.92 -1.19 -1.79
CB MSE A 701 -35.68 1.42 -2.69
CG MSE A 701 -36.14 1.15 -1.24
SE MSE A 701 -34.99 2.00 0.12
CE MSE A 701 -35.73 3.81 0.14
N GLU A 702 -35.05 -1.44 -3.69
CA GLU A 702 -35.45 -2.81 -3.42
C GLU A 702 -34.47 -3.84 -3.82
N GLU A 703 -33.71 -3.53 -4.84
CA GLU A 703 -32.70 -4.45 -5.33
C GLU A 703 -31.31 -4.06 -4.82
N ILE A 704 -31.10 -2.81 -4.38
CA ILE A 704 -29.77 -2.45 -3.93
C ILE A 704 -29.65 -2.02 -2.44
N ALA A 705 -30.38 -0.99 -2.01
CA ALA A 705 -30.24 -0.47 -0.71
C ALA A 705 -30.63 -1.54 0.39
N LEU A 706 -31.89 -1.97 0.39
CA LEU A 706 -32.43 -2.89 1.36
C LEU A 706 -31.75 -4.27 1.42
N PRO A 707 -31.60 -4.95 0.29
CA PRO A 707 -30.86 -6.23 0.40
C PRO A 707 -29.44 -6.11 0.94
N SER A 708 -28.91 -4.89 0.94
CA SER A 708 -27.53 -4.69 1.32
C SER A 708 -27.48 -4.79 2.85
N LEU A 709 -28.59 -4.54 3.53
CA LEU A 709 -28.64 -4.61 4.96
C LEU A 709 -28.40 -6.02 5.46
N ASP A 710 -28.64 -7.03 4.63
CA ASP A 710 -28.34 -8.40 4.97
C ASP A 710 -26.97 -8.89 4.52
N PHE A 711 -26.02 -8.01 4.27
CA PHE A 711 -24.68 -8.49 3.79
C PHE A 711 -23.78 -8.82 4.99
N TYR A 712 -23.99 -9.97 5.56
CA TYR A 712 -23.45 -10.22 6.97
C TYR A 712 -21.93 -10.20 7.05
N LEU A 713 -21.25 -10.66 5.99
CA LEU A 713 -19.80 -10.66 5.89
C LEU A 713 -19.11 -9.32 5.61
N HIS A 714 -19.87 -8.24 5.41
CA HIS A 714 -19.31 -6.97 4.88
C HIS A 714 -20.04 -5.72 5.37
N ASP A 715 -19.47 -4.96 6.30
CA ASP A 715 -20.19 -3.81 6.87
C ASP A 715 -20.22 -2.55 6.05
N GLY A 716 -19.25 -2.41 5.15
CA GLY A 716 -19.25 -1.31 4.18
C GLY A 716 -20.51 -1.26 3.32
N VAL A 717 -20.84 -2.44 2.80
CA VAL A 717 -22.09 -2.62 2.11
C VAL A 717 -23.24 -2.18 2.96
N ARG A 718 -23.30 -2.71 4.19
CA ARG A 718 -24.48 -2.55 5.05
C ARG A 718 -24.65 -1.07 5.32
N ALA A 719 -23.51 -0.39 5.53
CA ALA A 719 -23.55 1.01 5.87
C ALA A 719 -24.04 1.82 4.69
N ALA A 720 -23.48 1.51 3.50
CA ALA A 720 -23.86 2.18 2.26
C ALA A 720 -25.31 1.96 1.98
N GLY A 721 -25.76 0.74 2.17
CA GLY A 721 -27.21 0.46 2.06
C GLY A 721 -28.04 1.39 2.96
N ALA A 722 -27.64 1.63 4.19
CA ALA A 722 -28.47 2.42 5.08
C ALA A 722 -28.50 3.88 4.71
N THR A 723 -27.36 4.47 4.41
CA THR A 723 -27.31 5.93 4.06
C THR A 723 -28.11 6.27 2.78
N LEU A 724 -28.20 5.30 1.87
CA LEU A 724 -28.96 5.37 0.71
C LEU A 724 -30.46 5.60 0.97
N ILE A 725 -31.01 4.94 1.98
CA ILE A 725 -32.47 4.90 2.22
C ILE A 725 -33.14 6.28 2.27
N PRO A 726 -32.79 7.11 3.26
CA PRO A 726 -33.47 8.39 3.29
C PRO A 726 -33.32 9.21 2.04
N ILE A 727 -32.17 9.10 1.38
CA ILE A 727 -31.90 9.89 0.16
C ILE A 727 -32.82 9.48 -1.01
N LEU A 728 -32.92 8.20 -1.27
CA LEU A 728 -33.93 7.67 -2.15
C LEU A 728 -35.31 8.17 -1.82
N LEU A 729 -35.79 8.05 -0.58
CA LEU A 729 -37.14 8.52 -0.30
C LEU A 729 -37.28 9.99 -0.71
N SER A 730 -36.35 10.83 -0.28
CA SER A 730 -36.50 12.24 -0.54
C SER A 730 -36.41 12.54 -2.05
N CYS A 731 -35.80 11.64 -2.84
CA CYS A 731 -35.80 11.74 -4.26
C CYS A 731 -37.20 11.46 -4.82
N LEU A 732 -37.89 10.43 -4.35
CA LEU A 732 -39.24 10.11 -4.80
C LEU A 732 -40.25 11.16 -4.34
N LEU A 733 -40.12 11.59 -3.09
CA LEU A 733 -40.96 12.64 -2.54
C LEU A 733 -40.95 13.86 -3.43
N ALA A 734 -39.75 14.33 -3.77
CA ALA A 734 -39.62 15.56 -4.55
C ALA A 734 -40.25 15.43 -5.94
N ALA A 735 -40.37 14.21 -6.42
CA ALA A 735 -41.01 13.96 -7.71
C ALA A 735 -42.53 13.91 -7.57
N THR A 736 -43.04 13.65 -6.37
CA THR A 736 -44.46 13.33 -6.18
C THR A 736 -44.95 13.36 -4.73
N GLU A 741 -47.93 6.81 -2.29
CA GLU A 741 -48.18 5.42 -1.85
C GLU A 741 -46.99 4.51 -2.11
N GLU A 742 -46.40 4.68 -3.29
CA GLU A 742 -45.13 4.03 -3.59
C GLU A 742 -44.08 4.42 -2.51
N LEU A 743 -43.92 5.73 -2.33
CA LEU A 743 -43.09 6.30 -1.27
C LEU A 743 -43.39 5.67 0.09
N VAL A 744 -44.67 5.48 0.37
CA VAL A 744 -45.11 4.90 1.63
C VAL A 744 -44.76 3.42 1.72
N LEU A 745 -44.98 2.69 0.65
CA LEU A 745 -44.62 1.29 0.66
C LEU A 745 -43.12 1.16 0.92
N LEU A 746 -42.31 1.81 0.09
CA LEU A 746 -40.86 1.75 0.20
C LEU A 746 -40.41 2.13 1.62
N TRP A 747 -40.94 3.24 2.15
CA TRP A 747 -40.60 3.65 3.51
C TRP A 747 -40.96 2.62 4.58
N HIS A 748 -42.10 1.95 4.43
CA HIS A 748 -42.52 0.96 5.39
C HIS A 748 -41.59 -0.22 5.33
N LYS A 749 -41.22 -0.63 4.13
CA LYS A 749 -40.28 -1.73 3.96
C LYS A 749 -38.91 -1.33 4.55
N ALA A 750 -38.49 -0.11 4.27
CA ALA A 750 -37.12 0.28 4.57
C ALA A 750 -36.95 0.49 6.06
N SER A 751 -37.86 1.24 6.66
CA SER A 751 -37.90 1.39 8.13
C SER A 751 -37.87 0.08 8.86
N SER A 752 -38.64 -0.90 8.43
CA SER A 752 -38.73 -2.15 9.17
C SER A 752 -37.46 -2.98 9.07
N LYS A 753 -36.74 -2.86 7.97
CA LYS A 753 -35.50 -3.58 7.79
C LYS A 753 -34.39 -2.90 8.65
N LEU A 754 -34.44 -1.57 8.70
CA LEU A 754 -33.57 -0.79 9.55
C LEU A 754 -33.75 -1.20 10.99
N ILE A 755 -34.99 -1.12 11.46
CA ILE A 755 -35.35 -1.49 12.81
C ILE A 755 -34.92 -2.95 13.11
N GLY A 756 -35.26 -3.89 12.24
CA GLY A 756 -34.81 -5.28 12.37
C GLY A 756 -33.31 -5.45 12.54
N GLY A 757 -32.54 -4.56 11.90
CA GLY A 757 -31.07 -4.62 11.93
C GLY A 757 -30.51 -4.25 13.27
N LEU A 758 -31.29 -3.44 14.01
CA LEU A 758 -30.87 -2.91 15.30
C LEU A 758 -30.59 -3.97 16.32
N MSE A 759 -31.35 -5.05 16.33
CA MSE A 759 -31.13 -6.08 17.35
C MSE A 759 -30.04 -7.08 17.06
O MSE A 759 -29.43 -7.63 17.97
CB MSE A 759 -32.37 -6.90 17.48
CG MSE A 759 -32.52 -7.34 18.93
SE MSE A 759 -34.45 -7.18 19.14
CE MSE A 759 -35.03 -8.95 18.50
N SER A 760 -29.79 -7.31 15.78
CA SER A 760 -28.90 -8.35 15.33
C SER A 760 -27.52 -7.75 15.02
N GLU A 761 -27.46 -6.47 14.78
CA GLU A 761 -26.24 -5.91 14.26
C GLU A 761 -25.07 -6.03 15.25
N PRO A 762 -23.98 -6.68 14.89
CA PRO A 762 -22.78 -6.72 15.75
C PRO A 762 -21.96 -5.47 15.93
N MSE A 763 -21.93 -4.61 14.93
CA MSE A 763 -21.02 -3.47 14.98
C MSE A 763 -21.75 -2.26 15.50
O MSE A 763 -22.78 -1.87 14.99
CB MSE A 763 -20.43 -3.12 13.67
CG MSE A 763 -20.51 -4.29 12.72
SE MSE A 763 -18.73 -5.02 12.80
CE MSE A 763 -18.10 -3.50 11.74
N PRO A 764 -21.23 -1.66 16.56
CA PRO A 764 -21.99 -0.53 17.06
C PRO A 764 -21.88 0.66 16.08
N GLU A 765 -20.78 0.77 15.36
CA GLU A 765 -20.67 1.81 14.33
C GLU A 765 -21.85 1.68 13.31
N ILE A 766 -22.14 0.45 12.88
CA ILE A 766 -23.26 0.23 11.97
C ILE A 766 -24.59 0.51 12.66
N THR A 767 -24.82 0.04 13.86
CA THR A 767 -26.03 0.38 14.58
C THR A 767 -26.26 1.87 14.61
N GLN A 768 -25.20 2.64 14.76
CA GLN A 768 -25.34 4.10 14.76
C GLN A 768 -25.88 4.61 13.39
N VAL A 769 -25.32 4.07 12.31
CA VAL A 769 -25.79 4.39 10.99
C VAL A 769 -27.29 4.10 10.85
N TYR A 770 -27.76 2.95 11.37
CA TYR A 770 -29.16 2.62 11.22
C TYR A 770 -30.07 3.59 11.96
N HIS A 771 -29.69 4.02 13.11
CA HIS A 771 -30.50 5.02 13.85
C HIS A 771 -30.47 6.32 13.05
N ASN A 772 -29.30 6.67 12.53
CA ASN A 772 -29.15 7.90 11.69
C ASN A 772 -30.08 7.88 10.49
N SER A 773 -30.03 6.76 9.83
CA SER A 773 -30.88 6.50 8.71
C SER A 773 -32.39 6.57 9.08
N LEU A 774 -32.77 6.05 10.26
CA LEU A 774 -34.15 6.17 10.71
C LEU A 774 -34.50 7.60 10.94
N VAL A 775 -33.60 8.32 11.58
CA VAL A 775 -33.85 9.71 11.85
C VAL A 775 -34.15 10.43 10.59
N ASN A 776 -33.22 10.33 9.65
CA ASN A 776 -33.29 10.96 8.36
C ASN A 776 -34.49 10.53 7.54
N GLY A 777 -34.82 9.26 7.54
CA GLY A 777 -36.08 8.80 7.00
C GLY A 777 -37.30 9.46 7.65
N ILE A 778 -37.40 9.46 8.99
CA ILE A 778 -38.55 10.04 9.68
C ILE A 778 -38.65 11.50 9.20
N LYS A 779 -37.54 12.16 9.01
CA LYS A 779 -37.54 13.58 8.65
C LYS A 779 -38.09 13.80 7.24
N VAL A 780 -37.90 12.82 6.35
CA VAL A 780 -38.34 12.94 5.01
C VAL A 780 -39.83 12.69 4.97
N MSE A 781 -40.24 11.60 5.59
CA MSE A 781 -41.59 11.10 5.52
C MSE A 781 -42.60 11.88 6.31
O MSE A 781 -43.77 11.85 5.97
CB MSE A 781 -41.68 9.68 6.03
CG MSE A 781 -40.91 8.69 5.18
SE MSE A 781 -41.45 8.82 3.28
CE MSE A 781 -43.23 8.06 3.64
N GLY A 782 -42.21 12.56 7.38
CA GLY A 782 -43.16 13.33 8.23
C GLY A 782 -43.93 12.72 9.41
N ASP A 783 -45.22 13.02 9.45
CA ASP A 783 -46.07 12.84 10.62
C ASP A 783 -46.67 11.45 10.68
N ASN A 784 -46.49 10.81 11.84
CA ASN A 784 -47.11 9.54 12.08
C ASN A 784 -46.72 8.53 10.99
N CYS A 785 -45.43 8.54 10.64
CA CYS A 785 -44.92 7.63 9.62
C CYS A 785 -44.52 6.24 10.11
N LEU A 786 -44.62 5.97 11.40
CA LEU A 786 -44.39 4.61 11.90
C LEU A 786 -45.67 4.06 12.51
N SER A 787 -45.86 2.76 12.38
CA SER A 787 -46.99 2.04 12.95
C SER A 787 -46.64 1.42 14.31
N GLU A 788 -47.62 0.78 14.95
CA GLU A 788 -47.45 0.38 16.34
C GLU A 788 -46.46 -0.79 16.51
N ASP A 789 -46.48 -1.73 15.58
CA ASP A 789 -45.55 -2.85 15.62
C ASP A 789 -44.12 -2.31 15.47
N GLN A 790 -44.00 -1.30 14.61
CA GLN A 790 -42.73 -0.65 14.34
C GLN A 790 -42.23 0.01 15.61
N LEU A 791 -43.12 0.72 16.32
CA LEU A 791 -42.76 1.38 17.57
C LEU A 791 -42.32 0.40 18.66
N ALA A 792 -42.89 -0.79 18.60
CA ALA A 792 -42.53 -1.82 19.56
C ALA A 792 -41.21 -2.47 19.19
N ALA A 793 -41.09 -2.80 17.91
CA ALA A 793 -39.86 -3.42 17.41
C ALA A 793 -38.67 -2.50 17.57
N PHE A 794 -38.92 -1.18 17.44
CA PHE A 794 -37.91 -0.15 17.66
C PHE A 794 -37.42 -0.17 19.12
N THR A 795 -38.37 -0.29 20.05
CA THR A 795 -38.07 -0.25 21.48
C THR A 795 -37.16 -1.39 21.88
N LYS A 796 -37.46 -2.59 21.37
CA LYS A 796 -36.66 -3.78 21.61
C LYS A 796 -35.24 -3.53 21.17
N GLY A 797 -35.15 -3.01 19.94
CA GLY A 797 -33.89 -2.65 19.31
C GLY A 797 -33.14 -1.68 20.17
N VAL A 798 -33.79 -0.59 20.50
CA VAL A 798 -33.13 0.41 21.31
C VAL A 798 -32.59 -0.21 22.58
N SER A 799 -33.41 -1.05 23.22
CA SER A 799 -33.05 -1.67 24.46
C SER A 799 -31.87 -2.64 24.30
N ALA A 800 -31.92 -3.54 23.35
CA ALA A 800 -30.73 -4.32 23.07
C ALA A 800 -29.42 -3.50 22.79
N ASN A 801 -29.54 -2.24 22.33
CA ASN A 801 -28.37 -1.40 22.00
C ASN A 801 -27.88 -0.65 23.21
N LEU A 802 -28.85 -0.11 23.94
CA LEU A 802 -28.61 0.50 25.25
C LEU A 802 -27.98 -0.52 26.19
N THR A 803 -28.58 -1.69 26.27
CA THR A 803 -28.06 -2.81 27.08
C THR A 803 -26.59 -3.15 26.77
N ASP A 804 -26.23 -3.29 25.51
CA ASP A 804 -24.86 -3.66 25.13
C ASP A 804 -23.87 -2.51 25.31
N THR A 805 -24.39 -1.28 25.35
CA THR A 805 -23.52 -0.10 25.48
C THR A 805 -23.12 -0.04 26.94
N TYR A 806 -24.11 -0.21 27.80
CA TYR A 806 -23.91 -0.34 29.24
C TYR A 806 -22.85 -1.41 29.49
N GLU A 807 -23.08 -2.62 28.96
CA GLU A 807 -22.19 -3.75 29.18
C GLU A 807 -20.76 -3.56 28.66
N ARG A 808 -20.57 -2.84 27.56
CA ARG A 808 -19.22 -2.57 27.02
C ARG A 808 -18.47 -1.60 27.91
N MSE A 809 -19.23 -0.80 28.62
CA MSE A 809 -18.67 0.29 29.39
C MSE A 809 -18.50 -0.06 30.84
O MSE A 809 -17.60 0.49 31.49
CB MSE A 809 -19.56 1.47 29.19
CG MSE A 809 -19.30 2.08 27.82
SE MSE A 809 -19.85 3.87 28.29
CE MSE A 809 -18.08 4.56 28.81
N GLN A 810 -19.34 -0.96 31.35
CA GLN A 810 -19.04 -1.67 32.61
C GLN A 810 -18.02 -2.78 32.33
N ASP A 811 -16.99 -2.47 31.54
CA ASP A 811 -15.87 -3.36 31.20
C ASP A 811 -14.58 -2.55 31.03
N ARG A 812 -14.60 -1.24 31.32
CA ARG A 812 -13.51 -0.35 30.89
C ARG A 812 -13.50 1.00 31.64
N PHE A 829 -15.73 7.24 22.40
CA PHE A 829 -16.49 8.12 21.55
C PHE A 829 -17.47 7.30 20.74
N THR A 830 -16.98 6.21 20.18
CA THR A 830 -17.84 5.20 19.58
C THR A 830 -19.13 4.97 20.37
N ASP A 831 -19.01 4.79 21.67
CA ASP A 831 -20.16 4.61 22.55
C ASP A 831 -20.94 5.90 22.75
N GLU A 832 -20.22 7.03 22.88
CA GLU A 832 -20.85 8.35 23.10
C GLU A 832 -21.67 8.71 21.88
N ASP A 833 -21.11 8.48 20.69
CA ASP A 833 -21.73 8.83 19.42
C ASP A 833 -22.98 8.01 19.17
N LEU A 834 -22.91 6.70 19.41
CA LEU A 834 -24.07 5.82 19.27
C LEU A 834 -25.14 6.30 20.17
N LEU A 835 -24.78 6.62 21.37
CA LEU A 835 -25.82 7.04 22.22
C LEU A 835 -26.32 8.38 21.73
N ASP A 836 -25.44 9.18 21.14
CA ASP A 836 -25.87 10.46 20.53
C ASP A 836 -26.93 10.25 19.50
N GLU A 837 -26.78 9.21 18.69
CA GLU A 837 -27.73 8.97 17.63
C GLU A 837 -28.98 8.36 18.18
N ILE A 838 -28.87 7.48 19.18
CA ILE A 838 -30.06 6.88 19.76
C ILE A 838 -30.95 7.97 20.35
N ASN A 839 -30.33 9.00 20.92
CA ASN A 839 -31.04 10.18 21.37
C ASN A 839 -31.83 10.79 20.22
N LYS A 840 -31.17 10.92 19.06
CA LYS A 840 -31.77 11.54 17.89
C LYS A 840 -32.93 10.70 17.40
N SER A 841 -32.77 9.37 17.33
CA SER A 841 -33.85 8.54 16.80
C SER A 841 -35.08 8.49 17.73
N ILE A 842 -34.85 8.32 19.05
CA ILE A 842 -35.90 8.43 20.06
C ILE A 842 -36.63 9.74 19.87
N ALA A 843 -35.87 10.84 19.83
CA ALA A 843 -36.48 12.14 19.68
C ALA A 843 -37.24 12.19 18.38
N ALA A 844 -36.64 11.63 17.32
CA ALA A 844 -37.23 11.74 15.95
C ALA A 844 -38.51 10.92 15.96
N VAL A 845 -38.50 9.80 16.63
CA VAL A 845 -39.67 8.94 16.70
C VAL A 845 -40.81 9.57 17.56
N LEU A 846 -40.55 9.97 18.80
CA LEU A 846 -41.44 10.85 19.61
C LEU A 846 -42.25 11.88 18.84
N LYS A 847 -41.53 12.77 18.13
CA LYS A 847 -42.14 13.77 17.25
C LYS A 847 -43.12 13.24 16.16
N THR A 848 -42.78 12.18 15.42
CA THR A 848 -43.68 11.67 14.34
C THR A 848 -44.92 11.09 14.98
N THR A 849 -44.76 10.40 16.13
CA THR A 849 -45.93 9.91 16.92
C THR A 849 -46.66 11.03 17.67
N ASN A 850 -46.01 12.17 17.85
CA ASN A 850 -46.57 13.28 18.61
C ASN A 850 -46.78 12.91 20.11
N GLY A 851 -45.86 12.12 20.65
CA GLY A 851 -45.84 11.76 22.06
C GLY A 851 -46.18 10.30 22.31
N HIS A 852 -47.06 9.76 21.47
CA HIS A 852 -47.59 8.43 21.66
C HIS A 852 -46.53 7.39 21.94
N TYR A 853 -45.33 7.64 21.47
CA TYR A 853 -44.23 6.73 21.67
C TYR A 853 -43.88 6.78 23.15
N LEU A 854 -44.60 7.58 23.89
CA LEU A 854 -44.36 7.70 25.29
C LEU A 854 -44.56 6.37 26.02
N LYS A 855 -45.62 5.67 25.63
CA LYS A 855 -45.98 4.38 26.21
C LYS A 855 -44.90 3.30 26.11
N ASN A 856 -44.38 3.10 24.91
CA ASN A 856 -43.29 2.19 24.69
C ASN A 856 -42.11 2.69 25.48
N LEU A 857 -41.83 3.96 25.32
CA LEU A 857 -40.67 4.50 25.95
C LEU A 857 -40.52 4.02 27.39
N GLU A 858 -41.63 3.77 28.05
CA GLU A 858 -41.62 3.28 29.44
C GLU A 858 -41.03 1.94 29.74
N ASN A 859 -41.50 0.97 28.97
CA ASN A 859 -41.12 -0.37 29.19
C ASN A 859 -39.63 -0.45 29.41
N ILE A 860 -38.90 0.52 28.88
CA ILE A 860 -37.46 0.52 29.03
C ILE A 860 -37.01 1.58 30.02
N TRP A 861 -37.93 1.98 30.88
CA TRP A 861 -37.66 3.03 31.85
C TRP A 861 -36.64 2.66 32.90
N PRO A 862 -36.74 1.45 33.49
CA PRO A 862 -35.65 0.95 34.33
C PRO A 862 -34.29 1.15 33.68
N MSE A 863 -34.13 0.76 32.41
CA MSE A 863 -32.85 0.95 31.69
C MSE A 863 -32.45 2.41 31.63
O MSE A 863 -31.33 2.81 31.98
CB MSE A 863 -32.89 0.34 30.29
CG MSE A 863 -32.09 -0.96 30.20
SE MSE A 863 -30.13 -0.73 30.33
CE MSE A 863 -29.92 0.84 29.24
N ILE A 864 -33.36 3.27 31.21
CA ILE A 864 -33.11 4.71 31.22
C ILE A 864 -32.66 5.17 32.59
N ASN A 865 -33.40 4.74 33.62
CA ASN A 865 -33.16 5.15 34.99
C ASN A 865 -31.78 4.75 35.53
N THR A 866 -31.33 3.55 35.22
CA THR A 866 -29.97 3.13 35.51
C THR A 866 -28.93 4.08 34.97
N PHE A 867 -29.16 4.54 33.73
CA PHE A 867 -28.24 5.43 33.05
C PHE A 867 -28.15 6.77 33.75
N LEU A 868 -29.33 7.29 34.13
CA LEU A 868 -29.46 8.60 34.80
C LEU A 868 -28.51 8.74 35.99
N LEU A 869 -28.43 7.68 36.77
CA LEU A 869 -27.55 7.64 37.90
C LEU A 869 -26.48 6.63 37.53
N PRO A 873 -20.98 9.49 33.34
CA PRO A 873 -21.53 10.80 32.91
C PRO A 873 -22.16 10.73 31.52
N ILE A 874 -21.54 10.01 30.60
CA ILE A 874 -22.06 9.74 29.27
C ILE A 874 -23.44 9.08 29.33
N LEU A 875 -23.64 8.11 30.23
CA LEU A 875 -24.94 7.44 30.38
C LEU A 875 -25.96 8.45 30.95
N VAL A 876 -25.44 9.46 31.65
CA VAL A 876 -26.29 10.39 32.38
C VAL A 876 -26.81 11.39 31.41
N ILE A 877 -25.86 12.00 30.69
CA ILE A 877 -26.15 12.92 29.59
C ILE A 877 -27.19 12.26 28.68
N PHE A 878 -26.97 11.01 28.30
CA PHE A 878 -27.95 10.27 27.52
C PHE A 878 -29.33 10.39 28.07
N ALA A 879 -29.48 9.96 29.30
CA ALA A 879 -30.76 9.84 29.96
C ALA A 879 -31.40 11.20 30.09
N LEU A 880 -30.62 12.21 30.48
CA LEU A 880 -31.17 13.55 30.66
C LEU A 880 -31.72 14.01 29.32
N VAL A 881 -30.94 13.81 28.25
CA VAL A 881 -31.41 14.19 26.91
C VAL A 881 -32.69 13.43 26.58
N VAL A 882 -32.79 12.13 26.87
CA VAL A 882 -34.06 11.42 26.62
C VAL A 882 -35.24 12.07 27.31
N ILE A 883 -35.05 12.43 28.57
CA ILE A 883 -36.12 12.94 29.39
C ILE A 883 -36.63 14.25 28.86
N GLY A 884 -35.70 15.12 28.47
CA GLY A 884 -36.05 16.38 27.76
C GLY A 884 -36.96 16.12 26.58
N ASP A 885 -36.69 15.04 25.84
CA ASP A 885 -37.51 14.73 24.66
C ASP A 885 -38.88 14.21 25.05
N LEU A 886 -38.94 13.41 26.11
CA LEU A 886 -40.20 12.96 26.66
C LEU A 886 -41.12 14.12 26.92
N ILE A 887 -40.68 15.05 27.76
CA ILE A 887 -41.49 16.20 28.17
C ILE A 887 -42.03 17.01 27.01
N GLN A 888 -41.19 17.17 25.98
CA GLN A 888 -41.55 17.94 24.77
C GLN A 888 -42.84 17.42 24.12
N TYR A 889 -43.13 16.13 24.33
CA TYR A 889 -44.37 15.49 23.89
C TYR A 889 -44.98 14.70 25.07
N GLU A 892 -48.13 17.30 29.22
CA GLU A 892 -48.32 17.03 30.64
C GLU A 892 -48.75 15.59 30.87
N GLN A 893 -48.11 14.66 30.18
CA GLN A 893 -48.48 13.27 30.27
C GLN A 893 -47.33 12.47 30.85
N THR A 894 -46.36 13.15 31.45
CA THR A 894 -45.17 12.49 32.00
C THR A 894 -45.14 12.42 33.52
N ALA A 895 -46.11 13.10 34.15
CA ALA A 895 -46.34 13.00 35.58
C ALA A 895 -45.99 11.64 36.16
N SER A 896 -46.38 10.57 35.47
CA SER A 896 -46.02 9.23 35.89
C SER A 896 -44.52 9.10 36.24
N MSE A 897 -43.68 10.03 35.79
CA MSE A 897 -42.24 9.89 35.95
C MSE A 897 -41.55 11.07 36.62
O MSE A 897 -40.39 10.97 37.06
CB MSE A 897 -41.66 9.58 34.55
CG MSE A 897 -42.70 9.33 33.43
SE MSE A 897 -41.85 8.63 31.74
CE MSE A 897 -42.67 6.87 31.94
N LYS A 898 -42.27 12.20 36.71
CA LYS A 898 -41.78 13.40 37.40
C LYS A 898 -40.99 12.98 38.64
N ASN A 899 -41.60 12.13 39.48
CA ASN A 899 -41.00 11.81 40.77
C ASN A 899 -39.73 10.98 40.65
N ALA A 900 -39.61 10.27 39.54
CA ALA A 900 -38.49 9.37 39.37
C ALA A 900 -37.23 10.11 38.88
N PHE A 901 -37.38 11.31 38.29
CA PHE A 901 -36.21 12.00 37.77
C PHE A 901 -35.86 13.38 38.33
N ILE A 902 -36.81 14.14 38.86
CA ILE A 902 -36.48 15.51 39.21
C ILE A 902 -35.48 15.65 40.34
N PRO A 903 -35.50 14.69 41.26
CA PRO A 903 -34.48 14.67 42.29
C PRO A 903 -33.09 14.61 41.65
N LYS A 904 -32.92 13.80 40.61
CA LYS A 904 -31.61 13.61 40.00
C LYS A 904 -31.26 14.74 39.03
N VAL A 905 -32.29 15.36 38.44
CA VAL A 905 -32.10 16.48 37.53
C VAL A 905 -31.66 17.73 38.29
N THR A 906 -32.33 17.98 39.41
CA THR A 906 -32.03 19.13 40.25
C THR A 906 -30.62 19.01 40.83
N GLU A 907 -30.19 17.78 41.06
CA GLU A 907 -28.84 17.51 41.52
C GLU A 907 -27.88 17.93 40.42
N CYS A 908 -28.21 17.46 39.21
CA CYS A 908 -27.38 17.63 38.01
C CYS A 908 -27.15 19.11 37.70
N LEU A 909 -28.15 19.93 37.99
CA LEU A 909 -28.06 21.38 37.78
C LEU A 909 -26.76 21.97 38.28
N ILE A 910 -26.31 21.56 39.46
CA ILE A 910 -25.07 22.13 40.03
C ILE A 910 -23.83 21.28 39.80
N SER A 911 -23.93 20.29 38.91
CA SER A 911 -22.81 19.38 38.64
C SER A 911 -21.55 20.09 38.15
N PRO A 912 -20.37 19.59 38.56
CA PRO A 912 -19.11 20.13 38.06
C PRO A 912 -18.92 19.90 36.57
N ASP A 913 -19.67 18.96 36.00
CA ASP A 913 -19.66 18.74 34.55
C ASP A 913 -20.68 19.63 33.83
N ALA A 914 -20.14 20.52 32.99
CA ALA A 914 -20.90 21.45 32.15
C ALA A 914 -21.99 20.79 31.30
N ARG A 915 -21.71 19.59 30.81
CA ARG A 915 -22.59 18.91 29.87
C ARG A 915 -23.81 18.39 30.60
N ILE A 916 -23.60 18.05 31.87
CA ILE A 916 -24.67 17.54 32.74
C ILE A 916 -25.56 18.71 33.16
N ARG A 917 -24.93 19.86 33.46
CA ARG A 917 -25.71 21.05 33.82
C ARG A 917 -26.58 21.46 32.64
N GLN A 918 -25.97 21.53 31.47
CA GLN A 918 -26.66 21.85 30.22
C GLN A 918 -27.90 21.00 29.99
N ALA A 919 -27.73 19.70 29.97
CA ALA A 919 -28.85 18.78 29.76
C ALA A 919 -29.91 18.93 30.84
N ALA A 920 -29.45 19.19 32.04
CA ALA A 920 -30.32 19.36 33.19
C ALA A 920 -31.18 20.60 33.05
N SER A 921 -30.54 21.76 32.89
CA SER A 921 -31.27 23.03 32.76
C SER A 921 -32.23 23.02 31.56
N TYR A 922 -31.80 22.41 30.45
CA TYR A 922 -32.68 22.24 29.30
C TYR A 922 -33.96 21.53 29.73
N ILE A 923 -33.83 20.51 30.55
CA ILE A 923 -34.98 19.73 31.02
C ILE A 923 -35.90 20.62 31.86
N ILE A 924 -35.32 21.40 32.77
CA ILE A 924 -36.10 22.30 33.59
C ILE A 924 -36.82 23.34 32.72
N GLY A 925 -36.17 23.77 31.65
CA GLY A 925 -36.75 24.78 30.73
C GLY A 925 -37.86 24.19 29.87
N VAL A 926 -37.63 23.00 29.38
CA VAL A 926 -38.62 22.32 28.59
C VAL A 926 -39.86 21.96 29.44
N CYS A 927 -39.63 21.68 30.74
CA CYS A 927 -40.73 21.36 31.67
C CYS A 927 -41.74 22.48 31.65
N ALA A 928 -41.24 23.72 31.73
CA ALA A 928 -42.11 24.88 31.83
C ALA A 928 -42.83 25.22 30.56
N GLN A 929 -42.36 24.67 29.45
CA GLN A 929 -42.81 25.11 28.17
C GLN A 929 -43.95 24.24 27.68
N TYR A 930 -43.78 22.92 27.85
CA TYR A 930 -44.74 21.95 27.35
C TYR A 930 -45.61 21.32 28.42
N ALA A 931 -45.16 21.35 29.67
CA ALA A 931 -45.94 20.81 30.78
C ALA A 931 -46.09 21.84 31.91
N PRO A 932 -46.64 23.02 31.57
CA PRO A 932 -46.54 24.14 32.49
C PRO A 932 -46.95 23.84 33.94
N SER A 933 -48.03 23.10 34.12
CA SER A 933 -48.67 22.99 35.43
C SER A 933 -48.27 21.75 36.21
N THR A 934 -48.04 20.66 35.51
CA THR A 934 -47.59 19.46 36.20
C THR A 934 -46.14 19.61 36.67
N TYR A 935 -45.60 20.84 36.67
CA TYR A 935 -44.18 21.06 37.04
C TYR A 935 -43.77 22.33 37.81
N ALA A 936 -44.71 23.24 38.08
CA ALA A 936 -44.45 24.52 38.79
C ALA A 936 -43.75 24.49 40.17
N ASP A 937 -44.10 23.50 40.99
CA ASP A 937 -43.42 23.26 42.28
C ASP A 937 -41.92 22.99 42.12
N VAL A 938 -41.49 22.75 40.88
CA VAL A 938 -40.07 22.53 40.56
C VAL A 938 -39.43 23.74 39.89
N CYS A 939 -40.07 24.21 38.84
CA CYS A 939 -39.48 25.24 38.01
C CYS A 939 -39.19 26.54 38.78
N ILE A 940 -40.17 27.01 39.53
CA ILE A 940 -40.01 28.27 40.27
C ILE A 940 -38.99 28.15 41.43
N PRO A 941 -38.99 27.04 42.20
CA PRO A 941 -37.89 26.90 43.17
C PRO A 941 -36.49 26.94 42.54
N THR A 942 -36.28 26.09 41.53
CA THR A 942 -34.96 25.94 40.87
C THR A 942 -34.48 27.23 40.26
N LEU A 943 -35.42 28.12 39.98
CA LEU A 943 -35.15 29.40 39.36
C LEU A 943 -33.94 30.16 39.92
N ASP A 944 -33.72 30.07 41.23
CA ASP A 944 -32.56 30.71 41.87
C ASP A 944 -31.26 29.97 41.54
N THR A 945 -31.37 28.64 41.48
CA THR A 945 -30.26 27.78 41.09
C THR A 945 -29.77 28.19 39.70
N LEU A 946 -30.71 28.41 38.79
CA LEU A 946 -30.41 28.89 37.43
C LEU A 946 -29.76 30.26 37.40
N VAL A 947 -30.17 31.16 38.28
CA VAL A 947 -29.54 32.47 38.31
C VAL A 947 -28.08 32.34 38.78
N GLN A 948 -27.78 31.26 39.52
CA GLN A 948 -26.43 31.00 39.99
C GLN A 948 -25.59 30.29 38.93
N ILE A 949 -26.15 29.27 38.28
CA ILE A 949 -25.46 28.51 37.21
C ILE A 949 -25.05 29.48 36.11
N VAL A 950 -25.94 30.43 35.87
CA VAL A 950 -25.70 31.54 34.95
C VAL A 950 -24.40 32.29 35.27
N ASP A 951 -23.99 32.29 36.54
CA ASP A 951 -22.80 33.05 37.00
C ASP A 951 -21.67 32.17 37.59
N GLY A 954 -16.28 31.77 35.25
CA GLY A 954 -15.97 31.19 33.95
C GLY A 954 -17.20 30.79 33.15
N SER A 955 -18.33 31.45 33.43
CA SER A 955 -19.60 31.16 32.77
C SER A 955 -19.54 31.45 31.30
N LYS A 956 -19.22 32.71 30.98
CA LYS A 956 -19.08 33.13 29.59
C LYS A 956 -17.67 32.78 29.09
N LEU A 957 -17.43 31.49 28.89
CA LEU A 957 -16.13 30.97 28.48
C LEU A 957 -16.37 29.75 27.57
N GLU A 958 -15.57 29.61 26.53
CA GLU A 958 -15.75 28.54 25.53
C GLU A 958 -16.29 27.22 26.12
N GLU A 959 -15.64 26.72 27.17
CA GLU A 959 -15.96 25.38 27.71
C GLU A 959 -17.38 25.23 28.22
N ASN A 960 -17.90 26.28 28.85
CA ASN A 960 -19.25 26.24 29.43
C ASN A 960 -20.22 27.31 28.92
N ARG A 961 -19.86 27.99 27.83
CA ARG A 961 -20.73 28.97 27.17
C ARG A 961 -22.06 28.31 26.77
N SER A 962 -21.96 27.04 26.39
CA SER A 962 -23.11 26.27 25.95
C SER A 962 -24.08 26.02 27.09
N SER A 963 -23.57 25.51 28.20
CA SER A 963 -24.38 25.22 29.38
C SER A 963 -25.10 26.45 29.94
N THR A 964 -24.37 27.56 30.07
CA THR A 964 -24.94 28.77 30.64
C THR A 964 -25.97 29.37 29.68
N GLU A 965 -25.84 29.11 28.39
CA GLU A 965 -26.84 29.60 27.44
C GLU A 965 -28.16 28.82 27.50
N ASN A 966 -28.12 27.52 27.74
CA ASN A 966 -29.35 26.76 27.96
C ASN A 966 -30.03 27.12 29.31
N ALA A 967 -29.26 27.25 30.39
CA ALA A 967 -29.83 27.77 31.64
C ALA A 967 -30.53 29.08 31.36
N SER A 968 -29.85 29.97 30.65
CA SER A 968 -30.42 31.29 30.31
C SER A 968 -31.79 31.15 29.66
N ALA A 969 -31.87 30.26 28.69
CA ALA A 969 -33.12 30.05 27.97
C ALA A 969 -34.12 29.35 28.88
N ALA A 970 -33.63 28.47 29.73
CA ALA A 970 -34.47 27.78 30.69
C ALA A 970 -35.23 28.75 31.61
N ILE A 971 -34.54 29.77 32.10
CA ILE A 971 -35.22 30.74 32.97
C ILE A 971 -36.18 31.61 32.19
N ALA A 972 -35.83 31.95 30.94
CA ALA A 972 -36.73 32.69 30.06
C ALA A 972 -38.02 31.91 29.76
N LYS A 973 -37.92 30.59 29.78
CA LYS A 973 -39.09 29.74 29.59
C LYS A 973 -40.03 29.76 30.79
N ILE A 974 -39.45 29.65 31.98
CA ILE A 974 -40.18 29.72 33.24
C ILE A 974 -40.86 31.07 33.34
N LEU A 975 -40.14 32.15 33.07
CA LEU A 975 -40.69 33.52 33.12
C LEU A 975 -41.88 33.68 32.22
N TYR A 976 -41.96 32.86 31.17
CA TYR A 976 -42.98 33.01 30.16
C TYR A 976 -44.23 32.27 30.59
N ALA A 977 -44.06 31.01 30.95
CA ALA A 977 -45.16 30.15 31.39
C ALA A 977 -45.93 30.76 32.56
N TYR A 978 -45.23 31.27 33.57
CA TYR A 978 -45.86 31.75 34.80
C TYR A 978 -45.73 33.26 34.97
N ASN A 979 -46.20 33.98 33.97
CA ASN A 979 -45.83 35.41 33.69
C ASN A 979 -45.90 36.48 34.80
N SER A 980 -47.07 36.66 35.42
CA SER A 980 -47.23 37.50 36.62
C SER A 980 -47.63 36.69 37.86
N ASN A 981 -47.28 35.40 37.86
CA ASN A 981 -47.48 34.50 39.01
C ASN A 981 -46.15 34.15 39.66
N ILE A 982 -45.17 35.02 39.44
CA ILE A 982 -43.85 34.83 39.96
C ILE A 982 -43.54 35.79 41.12
N PRO A 983 -43.07 35.24 42.25
CA PRO A 983 -42.50 36.06 43.31
C PRO A 983 -41.27 36.88 42.87
N ASP A 986 -39.64 39.10 39.04
CA ASP A 986 -39.33 40.21 38.15
C ASP A 986 -37.90 40.74 38.25
N THR A 987 -37.27 40.60 39.41
CA THR A 987 -35.83 40.82 39.46
C THR A 987 -35.29 39.87 38.39
N TYR A 988 -35.80 38.65 38.43
CA TYR A 988 -35.47 37.60 37.51
C TYR A 988 -35.30 38.01 36.05
N THR A 989 -36.30 38.64 35.46
CA THR A 989 -36.17 39.01 34.06
C THR A 989 -34.97 39.95 33.82
N ALA A 990 -34.69 40.84 34.75
CA ALA A 990 -33.49 41.68 34.64
C ALA A 990 -32.19 40.87 34.83
N ASN A 991 -32.29 39.73 35.51
CA ASN A 991 -31.15 38.82 35.63
C ASN A 991 -30.93 38.18 34.30
N TRP A 992 -32.01 37.55 33.81
CA TRP A 992 -32.06 36.90 32.50
C TRP A 992 -31.41 37.75 31.42
N PHE A 993 -31.90 38.96 31.30
CA PHE A 993 -31.39 39.89 30.36
C PHE A 993 -29.87 39.98 30.37
N LYS A 994 -29.25 40.01 31.57
CA LYS A 994 -27.79 40.18 31.67
C LYS A 994 -27.04 38.97 31.14
N THR A 995 -27.79 37.92 30.76
CA THR A 995 -27.23 36.71 30.17
C THR A 995 -27.21 36.80 28.65
N LEU A 996 -27.85 37.81 28.07
CA LEU A 996 -27.72 38.03 26.64
C LEU A 996 -26.41 38.71 26.36
N PRO A 997 -25.83 38.46 25.19
CA PRO A 997 -26.34 37.72 24.06
C PRO A 997 -26.18 36.18 24.10
N THR A 998 -27.00 35.53 23.31
CA THR A 998 -26.95 34.11 23.10
C THR A 998 -26.35 33.88 21.72
N ILE A 999 -25.13 33.33 21.70
CA ILE A 999 -24.32 33.27 20.48
C ILE A 999 -23.87 31.88 20.03
N THR A 1000 -24.06 30.85 20.86
CA THR A 1000 -23.56 29.50 20.53
C THR A 1000 -24.64 28.45 20.35
N ASP A 1001 -25.57 28.31 21.30
CA ASP A 1001 -26.65 27.33 21.18
C ASP A 1001 -27.80 27.99 20.42
N LYS A 1002 -28.23 27.34 19.34
CA LYS A 1002 -29.10 28.02 18.38
C LYS A 1002 -30.55 27.93 18.78
N GLU A 1003 -30.96 26.80 19.35
CA GLU A 1003 -32.36 26.60 19.80
C GLU A 1003 -32.64 27.42 21.04
N ALA A 1004 -31.64 27.59 21.85
CA ALA A 1004 -31.73 28.49 22.99
C ALA A 1004 -31.89 29.91 22.50
N ALA A 1005 -30.97 30.35 21.65
CA ALA A 1005 -31.03 31.71 21.08
C ALA A 1005 -32.38 31.96 20.42
N SER A 1006 -32.92 30.94 19.82
CA SER A 1006 -34.20 31.05 19.18
C SER A 1006 -35.32 31.40 20.18
N PHE A 1007 -35.37 30.70 21.30
CA PHE A 1007 -36.32 31.10 22.36
C PHE A 1007 -36.05 32.46 22.96
N ASN A 1008 -34.80 32.73 23.38
CA ASN A 1008 -34.50 34.01 24.00
C ASN A 1008 -34.94 35.22 23.20
N TYR A 1009 -34.66 35.24 21.90
CA TYR A 1009 -35.02 36.41 21.10
C TYR A 1009 -36.52 36.44 20.75
N GLN A 1010 -37.17 35.29 20.69
CA GLN A 1010 -38.65 35.31 20.72
C GLN A 1010 -39.21 35.94 22.01
N PHE A 1011 -38.72 35.50 23.19
CA PHE A 1011 -39.11 36.08 24.50
C PHE A 1011 -38.75 37.54 24.58
N LEU A 1012 -37.57 37.92 24.06
CA LEU A 1012 -37.15 39.34 24.06
C LEU A 1012 -38.15 40.13 23.29
N SER A 1013 -38.73 39.50 22.27
CA SER A 1013 -39.64 40.15 21.36
C SER A 1013 -41.06 40.16 21.93
N GLN A 1014 -41.37 39.28 22.85
CA GLN A 1014 -42.68 39.34 23.55
C GLN A 1014 -42.76 40.40 24.61
N LEU A 1015 -41.64 40.82 25.12
CA LEU A 1015 -41.63 41.77 26.19
C LEU A 1015 -41.79 43.12 25.64
N ILE A 1016 -41.16 43.31 24.51
CA ILE A 1016 -41.29 44.55 23.78
C ILE A 1016 -42.64 44.66 23.09
N SER A 1027 -32.56 52.54 29.81
CA SER A 1027 -31.20 52.30 30.33
C SER A 1027 -30.56 51.16 29.57
N ASN A 1028 -31.23 50.01 29.52
CA ASN A 1028 -30.71 48.91 28.70
C ASN A 1028 -31.33 48.89 27.31
N ILE A 1029 -30.87 49.78 26.45
CA ILE A 1029 -31.29 49.77 25.08
C ILE A 1029 -30.04 49.50 24.30
N SER A 1030 -28.95 50.18 24.63
CA SER A 1030 -27.73 49.88 23.95
C SER A 1030 -27.40 48.39 24.13
N ALA A 1031 -27.81 47.82 25.26
CA ALA A 1031 -27.63 46.39 25.47
C ALA A 1031 -28.73 45.59 24.80
N VAL A 1032 -29.92 46.18 24.62
CA VAL A 1032 -31.00 45.49 23.89
C VAL A 1032 -30.58 45.30 22.44
N VAL A 1033 -30.10 46.37 21.81
CA VAL A 1033 -29.65 46.31 20.44
C VAL A 1033 -28.49 45.35 20.29
N ASP A 1034 -27.41 45.63 21.00
CA ASP A 1034 -26.19 44.80 20.92
C ASP A 1034 -26.49 43.31 21.07
N SER A 1035 -27.42 42.98 21.96
CA SER A 1035 -27.85 41.61 22.16
C SER A 1035 -28.22 40.94 20.85
N VAL A 1036 -28.87 41.72 19.99
CA VAL A 1036 -29.33 41.22 18.70
C VAL A 1036 -28.20 41.28 17.63
N ILE A 1037 -27.53 42.41 17.50
CA ILE A 1037 -26.36 42.51 16.61
C ILE A 1037 -25.44 41.30 16.82
N GLN A 1038 -25.11 41.02 18.09
CA GLN A 1038 -24.18 39.96 18.40
C GLN A 1038 -24.70 38.61 17.90
N ALA A 1039 -25.98 38.32 18.12
CA ALA A 1039 -26.55 37.01 17.75
C ALA A 1039 -26.52 36.87 16.24
N LEU A 1040 -26.95 37.91 15.54
CA LEU A 1040 -26.95 37.91 14.07
C LEU A 1040 -25.55 37.71 13.51
N ASN A 1041 -24.65 38.61 13.89
CA ASN A 1041 -23.26 38.53 13.44
C ASN A 1041 -22.57 37.21 13.79
N GLU A 1042 -22.90 36.63 14.94
CA GLU A 1042 -22.33 35.34 15.33
C GLU A 1042 -23.12 34.17 14.73
N ARG A 1043 -24.15 34.50 13.94
CA ARG A 1043 -24.93 33.53 13.19
C ARG A 1043 -25.55 32.42 14.08
N SER A 1044 -26.18 32.82 15.18
CA SER A 1044 -26.75 31.88 16.14
C SER A 1044 -28.26 31.94 16.04
N LEU A 1045 -28.76 33.02 15.50
CA LEU A 1045 -30.17 33.05 15.20
C LEU A 1045 -30.25 33.44 13.74
N THR A 1046 -31.23 32.88 13.05
CA THR A 1046 -31.17 32.90 11.62
C THR A 1046 -32.54 32.46 11.11
N GLU A 1047 -32.82 32.51 9.81
CA GLU A 1047 -31.92 32.98 8.75
C GLU A 1047 -31.92 34.51 8.66
N ARG A 1048 -31.36 35.18 9.68
CA ARG A 1048 -31.69 36.58 9.94
C ARG A 1048 -33.22 36.70 9.79
N GLU A 1049 -33.93 35.58 9.95
CA GLU A 1049 -35.37 35.50 9.86
C GLU A 1049 -35.86 35.07 11.24
N THR A 1052 -37.16 39.10 13.02
CA THR A 1052 -38.37 39.77 13.55
C THR A 1052 -38.25 40.47 14.91
N VAL A 1053 -37.51 39.91 15.83
CA VAL A 1053 -37.10 40.68 16.98
C VAL A 1053 -36.58 42.03 16.54
N ILE A 1054 -36.09 42.13 15.31
CA ILE A 1054 -35.65 43.40 14.72
C ILE A 1054 -36.80 44.38 14.59
N SER A 1055 -37.97 43.95 14.12
CA SER A 1055 -39.14 44.84 14.12
C SER A 1055 -39.37 45.46 15.49
N SER A 1056 -39.38 44.63 16.52
CA SER A 1056 -39.60 45.10 17.89
C SER A 1056 -38.54 46.11 18.31
N VAL A 1057 -37.28 45.84 17.97
CA VAL A 1057 -36.16 46.76 18.29
C VAL A 1057 -36.25 48.12 17.58
N LYS A 1058 -36.57 48.09 16.28
CA LYS A 1058 -36.71 49.32 15.49
C LYS A 1058 -37.81 50.21 16.06
N LYS A 1059 -38.87 49.63 16.64
CA LYS A 1059 -39.94 50.41 17.29
C LYS A 1059 -39.46 51.16 18.52
N LEU A 1060 -38.60 50.51 19.30
CA LEU A 1060 -37.98 51.12 20.45
C LEU A 1060 -37.08 52.27 20.02
N LEU A 1061 -36.22 52.03 19.03
CA LEU A 1061 -35.37 53.09 18.47
C LEU A 1061 -36.16 54.21 17.75
N GLY A 1062 -37.39 53.89 17.34
CA GLY A 1062 -38.32 54.86 16.79
C GLY A 1062 -38.67 55.94 17.81
N PHE A 1063 -38.83 55.52 19.05
CA PHE A 1063 -39.17 56.44 20.11
C PHE A 1063 -37.94 57.21 20.66
N LEU A 1064 -36.87 57.31 19.88
CA LEU A 1064 -35.72 58.16 20.22
C LEU A 1064 -35.32 59.07 19.06
N PRO A 1065 -34.77 60.26 19.37
CA PRO A 1065 -34.39 61.23 18.32
C PRO A 1065 -33.52 60.65 17.20
N SER A 1066 -33.32 61.43 16.15
CA SER A 1066 -32.38 61.06 15.08
C SER A 1066 -31.01 60.72 15.67
N SER A 1067 -30.51 61.65 16.50
CA SER A 1067 -29.17 61.57 17.10
C SER A 1067 -29.03 60.49 18.19
N ASP A 1068 -30.06 60.28 19.01
CA ASP A 1068 -30.01 59.17 19.98
C ASP A 1068 -30.05 57.80 19.31
N ALA A 1069 -30.84 57.68 18.24
CA ALA A 1069 -30.91 56.43 17.48
C ALA A 1069 -29.53 56.06 16.90
N MSE A 1070 -28.93 56.97 16.13
CA MSE A 1070 -27.56 56.81 15.57
C MSE A 1070 -26.54 56.30 16.53
O MSE A 1070 -25.93 55.27 16.27
CB MSE A 1070 -26.89 58.13 15.10
CG MSE A 1070 -27.75 59.06 14.28
SE MSE A 1070 -27.70 58.12 12.56
CE MSE A 1070 -29.63 57.71 12.74
N ALA A 1071 -26.38 57.01 17.64
CA ALA A 1071 -25.24 56.87 18.57
C ALA A 1071 -24.95 55.45 19.05
N ILE A 1072 -25.98 54.61 19.14
CA ILE A 1072 -25.85 53.23 19.63
C ILE A 1072 -24.87 52.41 18.79
N PHE A 1073 -24.88 52.62 17.48
CA PHE A 1073 -24.02 51.82 16.59
C PHE A 1073 -22.61 52.38 16.47
N ASN A 1074 -22.33 53.46 17.20
CA ASN A 1074 -21.09 54.19 17.07
C ASN A 1074 -19.87 53.33 17.44
N ARG A 1075 -20.08 52.29 18.23
CA ARG A 1075 -19.00 51.41 18.63
C ARG A 1075 -18.60 50.41 17.53
N TYR A 1076 -19.48 50.15 16.58
CA TYR A 1076 -19.29 49.01 15.69
C TYR A 1076 -18.40 49.30 14.48
N PRO A 1077 -17.49 48.36 14.15
CA PRO A 1077 -16.63 48.52 12.95
C PRO A 1077 -17.39 48.38 11.60
N ALA A 1078 -16.72 48.75 10.52
CA ALA A 1078 -17.37 48.89 9.20
C ALA A 1078 -18.09 47.61 8.77
N ASP A 1079 -17.38 46.48 8.82
CA ASP A 1079 -17.91 45.22 8.29
C ASP A 1079 -19.23 44.80 8.93
N ILE A 1080 -19.41 45.05 10.24
CA ILE A 1080 -20.65 44.67 10.89
C ILE A 1080 -21.69 45.78 10.72
N MSE A 1081 -21.24 46.99 10.39
CA MSE A 1081 -22.16 48.08 10.02
C MSE A 1081 -22.72 47.89 8.62
O MSE A 1081 -23.82 48.38 8.32
CB MSE A 1081 -21.50 49.45 10.15
CG MSE A 1081 -21.19 49.85 11.59
SE MSE A 1081 -22.78 50.19 12.68
CE MSE A 1081 -23.85 51.36 11.50
N GLU A 1082 -22.01 47.17 7.75
CA GLU A 1082 -22.55 46.83 6.42
C GLU A 1082 -23.76 45.92 6.63
N LYS A 1083 -23.53 44.86 7.40
CA LYS A 1083 -24.56 43.90 7.75
C LYS A 1083 -25.75 44.55 8.49
N VAL A 1084 -25.47 45.52 9.37
CA VAL A 1084 -26.51 46.18 10.18
C VAL A 1084 -27.46 46.99 9.31
N HIS A 1085 -26.89 47.70 8.35
CA HIS A 1085 -27.67 48.38 7.33
C HIS A 1085 -28.63 47.43 6.62
N LYS A 1086 -28.13 46.26 6.22
CA LYS A 1086 -28.99 45.25 5.58
C LYS A 1086 -29.87 44.47 6.58
N TRP A 1087 -29.84 44.83 7.87
CA TRP A 1087 -30.72 44.20 8.89
C TRP A 1087 -31.83 45.16 9.37
N PHE A 1088 -31.55 46.47 9.38
CA PHE A 1088 -32.47 47.47 9.94
C PHE A 1088 -32.93 48.51 8.92
N GLU B 6 12.07 -27.19 -36.01
CA GLU B 6 12.66 -26.16 -36.90
C GLU B 6 13.68 -25.31 -36.18
N PRO B 7 13.25 -24.41 -35.30
CA PRO B 7 14.29 -23.65 -34.58
C PRO B 7 15.48 -24.51 -34.22
N GLN B 8 16.67 -24.13 -34.64
CA GLN B 8 17.84 -24.94 -34.28
C GLN B 8 18.52 -24.51 -33.04
N VAL B 9 18.21 -23.32 -32.58
CA VAL B 9 18.74 -22.84 -31.29
C VAL B 9 17.67 -23.04 -30.25
N GLN B 10 17.88 -23.99 -29.37
CA GLN B 10 16.93 -24.17 -28.25
C GLN B 10 17.57 -24.46 -26.94
N PHE B 11 16.95 -23.96 -25.88
CA PHE B 11 17.46 -24.18 -24.50
C PHE B 11 16.45 -24.78 -23.55
N LYS B 12 16.87 -25.75 -22.77
CA LYS B 12 16.15 -26.18 -21.50
C LYS B 12 16.18 -25.09 -20.44
N LEU B 13 15.03 -24.47 -20.22
CA LEU B 13 14.85 -23.50 -19.16
C LEU B 13 13.98 -24.09 -17.99
N VAL B 14 14.56 -24.21 -16.79
CA VAL B 14 13.79 -24.66 -15.61
C VAL B 14 13.21 -23.47 -14.84
N LEU B 15 11.90 -23.49 -14.60
CA LEU B 15 11.18 -22.36 -13.95
C LEU B 15 10.71 -22.85 -12.56
N VAL B 16 11.34 -22.31 -11.53
CA VAL B 16 11.03 -22.69 -10.18
C VAL B 16 10.64 -21.50 -9.33
N GLY B 17 10.08 -21.80 -8.16
CA GLY B 17 9.62 -20.81 -7.20
C GLY B 17 8.49 -21.36 -6.34
N ASP B 18 8.22 -20.71 -5.21
CA ASP B 18 7.10 -21.11 -4.35
C ASP B 18 5.78 -21.25 -5.11
N GLY B 19 4.88 -22.07 -4.55
CA GLY B 19 3.56 -22.31 -5.13
C GLY B 19 2.77 -21.02 -5.18
N GLY B 20 1.92 -20.91 -6.17
CA GLY B 20 1.15 -19.69 -6.39
C GLY B 20 1.87 -18.37 -6.74
N THR B 21 3.20 -18.38 -6.98
CA THR B 21 3.91 -17.16 -7.40
C THR B 21 3.59 -16.73 -8.86
N GLY B 22 2.96 -17.59 -9.66
CA GLY B 22 2.53 -17.20 -11.01
C GLY B 22 3.29 -17.82 -12.20
N LYS B 23 4.06 -18.89 -11.94
CA LYS B 23 4.91 -19.53 -12.91
C LYS B 23 4.17 -20.05 -14.14
N THR B 24 3.11 -20.79 -13.91
CA THR B 24 2.27 -21.29 -14.99
C THR B 24 1.56 -20.14 -15.67
N THR B 25 1.06 -19.17 -14.93
CA THR B 25 0.33 -18.06 -15.52
C THR B 25 1.26 -17.31 -16.48
N PHE B 26 2.51 -17.14 -16.03
CA PHE B 26 3.56 -16.48 -16.80
C PHE B 26 3.86 -17.17 -18.17
N VAL B 27 4.09 -18.48 -18.11
CA VAL B 27 4.24 -19.28 -19.30
C VAL B 27 3.00 -19.29 -20.20
N LYS B 28 1.79 -19.46 -19.65
CA LYS B 28 0.57 -19.52 -20.47
C LYS B 28 0.41 -18.21 -21.18
N ARG B 29 0.81 -17.15 -20.51
CA ARG B 29 0.62 -15.84 -21.10
C ARG B 29 1.49 -15.71 -22.34
N HIS B 30 2.71 -16.23 -22.25
CA HIS B 30 3.61 -16.23 -23.39
C HIS B 30 3.10 -17.15 -24.50
N LEU B 31 2.62 -18.32 -24.11
CA LEU B 31 2.21 -19.38 -25.03
C LEU B 31 0.99 -18.99 -25.85
N THR B 32 -0.07 -18.52 -25.18
CA THR B 32 -1.37 -18.27 -25.81
C THR B 32 -1.85 -16.83 -25.70
N GLY B 33 -1.25 -16.07 -24.79
CA GLY B 33 -1.64 -14.67 -24.62
C GLY B 33 -2.78 -14.48 -23.64
N GLU B 34 -3.45 -15.57 -23.26
CA GLU B 34 -4.55 -15.52 -22.30
C GLU B 34 -4.01 -15.41 -20.86
N PHE B 35 -4.77 -14.74 -20.00
CA PHE B 35 -4.46 -14.71 -18.57
C PHE B 35 -5.42 -15.65 -17.82
N GLU B 36 -4.87 -16.65 -17.13
CA GLU B 36 -5.68 -17.61 -16.37
C GLU B 36 -5.85 -17.09 -14.95
N LYS B 37 -7.10 -16.91 -14.54
CA LYS B 37 -7.44 -16.37 -13.20
C LYS B 37 -7.36 -17.37 -12.06
N LYS B 38 -7.77 -18.62 -12.28
CA LYS B 38 -7.75 -19.64 -11.22
C LYS B 38 -6.39 -20.27 -11.01
N TYR B 39 -6.13 -20.71 -9.79
CA TYR B 39 -4.87 -21.34 -9.41
C TYR B 39 -5.07 -22.83 -9.40
N VAL B 40 -4.41 -23.50 -10.32
CA VAL B 40 -4.46 -24.94 -10.42
C VAL B 40 -3.04 -25.41 -10.32
N ALA B 41 -2.66 -25.88 -9.14
CA ALA B 41 -1.29 -26.27 -8.90
C ALA B 41 -0.76 -27.19 -10.02
N THR B 42 0.48 -26.96 -10.37
CA THR B 42 1.13 -27.86 -11.31
C THR B 42 1.51 -29.12 -10.54
N LEU B 43 1.40 -30.27 -11.20
CA LEU B 43 1.84 -31.51 -10.60
C LEU B 43 3.15 -31.95 -11.17
N GLY B 44 4.20 -31.90 -10.37
CA GLY B 44 5.55 -32.27 -10.85
C GLY B 44 6.16 -31.24 -11.80
N VAL B 45 5.89 -31.39 -13.09
CA VAL B 45 6.35 -30.46 -14.12
C VAL B 45 5.47 -30.49 -15.37
N GLU B 46 5.34 -29.35 -16.01
CA GLU B 46 4.76 -29.30 -17.34
C GLU B 46 5.78 -28.63 -18.28
N VAL B 47 6.09 -29.29 -19.39
CA VAL B 47 7.09 -28.75 -20.33
C VAL B 47 6.45 -28.08 -21.52
N HIS B 48 6.68 -26.80 -21.67
CA HIS B 48 6.11 -26.02 -22.76
C HIS B 48 7.21 -25.37 -23.62
N PRO B 49 7.15 -25.58 -24.94
CA PRO B 49 8.06 -24.84 -25.82
C PRO B 49 7.57 -23.42 -26.12
N LEU B 50 8.45 -22.45 -25.92
CA LEU B 50 8.21 -21.07 -26.28
C LEU B 50 9.23 -20.62 -27.36
N VAL B 51 8.73 -20.03 -28.43
CA VAL B 51 9.56 -19.66 -29.55
C VAL B 51 9.52 -18.18 -29.76
N PHE B 52 10.71 -17.59 -29.75
CA PHE B 52 10.86 -16.16 -29.93
C PHE B 52 11.50 -15.91 -31.29
N HIS B 53 10.96 -14.95 -32.02
CA HIS B 53 11.45 -14.64 -33.31
C HIS B 53 12.31 -13.41 -33.13
N THR B 54 13.63 -13.62 -33.29
CA THR B 54 14.63 -12.60 -33.07
C THR B 54 15.35 -12.18 -34.36
N ASN B 55 16.17 -11.15 -34.26
CA ASN B 55 17.11 -10.73 -35.30
C ASN B 55 18.27 -11.66 -35.43
N ARG B 56 18.24 -12.82 -34.76
CA ARG B 56 19.22 -13.90 -34.96
C ARG B 56 18.53 -15.23 -35.20
N GLY B 57 17.28 -15.14 -35.66
CA GLY B 57 16.50 -16.35 -35.90
C GLY B 57 15.48 -16.71 -34.81
N PRO B 58 14.77 -17.84 -35.00
CA PRO B 58 13.90 -18.37 -34.00
C PRO B 58 14.70 -19.00 -32.88
N ILE B 59 14.40 -18.58 -31.66
CA ILE B 59 15.02 -19.16 -30.46
C ILE B 59 13.93 -19.85 -29.68
N LYS B 60 14.17 -21.10 -29.38
CA LYS B 60 13.24 -21.90 -28.63
C LYS B 60 13.72 -22.15 -27.21
N PHE B 61 12.88 -21.77 -26.27
CA PHE B 61 13.06 -22.17 -24.83
C PHE B 61 12.05 -23.25 -24.55
N ASN B 62 12.58 -24.43 -24.26
CA ASN B 62 11.73 -25.47 -23.66
C ASN B 62 11.57 -25.16 -22.18
N VAL B 63 10.44 -24.55 -21.83
CA VAL B 63 10.18 -24.18 -20.45
C VAL B 63 9.64 -25.36 -19.62
N TRP B 64 10.44 -25.83 -18.69
CA TRP B 64 10.01 -26.80 -17.68
C TRP B 64 9.37 -26.05 -16.50
N ASP B 65 8.06 -25.86 -16.61
CA ASP B 65 7.25 -25.27 -15.52
C ASP B 65 7.07 -26.24 -14.32
N THR B 66 7.86 -26.08 -13.24
CA THR B 66 7.80 -27.06 -12.15
C THR B 66 6.75 -26.73 -11.09
N ALA B 67 6.47 -27.72 -10.22
CA ALA B 67 5.54 -27.58 -9.07
C ALA B 67 6.19 -26.88 -7.92
N GLY B 68 5.63 -25.76 -7.48
CA GLY B 68 6.16 -25.05 -6.27
C GLY B 68 5.78 -25.62 -4.90
N GLN B 69 4.63 -26.31 -4.84
CA GLN B 69 4.15 -26.93 -3.59
C GLN B 69 4.89 -28.22 -3.33
N GLU B 70 5.70 -28.25 -2.29
CA GLU B 70 6.45 -29.47 -1.94
C GLU B 70 5.64 -30.76 -2.16
N LYS B 71 4.43 -30.83 -1.67
CA LYS B 71 3.57 -32.02 -1.87
C LYS B 71 3.39 -32.48 -3.33
N PHE B 72 3.45 -31.56 -4.29
CA PHE B 72 3.42 -31.98 -5.70
C PHE B 72 4.80 -31.99 -6.38
N GLY B 73 5.87 -31.80 -5.63
CA GLY B 73 7.18 -31.67 -6.19
C GLY B 73 7.90 -32.97 -6.06
N GLY B 74 8.42 -33.19 -4.89
CA GLY B 74 8.81 -34.53 -4.51
C GLY B 74 10.07 -34.94 -5.20
N LEU B 75 10.02 -34.92 -6.52
CA LEU B 75 11.16 -35.22 -7.33
C LEU B 75 11.59 -34.10 -8.28
N ARG B 76 11.08 -32.90 -8.06
CA ARG B 76 11.41 -31.74 -8.88
C ARG B 76 12.87 -31.60 -9.25
N ASP B 77 13.69 -31.87 -8.25
CA ASP B 77 15.10 -31.70 -8.39
C ASP B 77 15.67 -32.55 -9.49
N GLY B 78 14.90 -33.49 -9.98
CA GLY B 78 15.41 -34.38 -10.99
C GLY B 78 15.17 -33.78 -12.33
N TYR B 79 14.37 -32.73 -12.39
CA TYR B 79 14.14 -32.00 -13.64
C TYR B 79 15.25 -31.03 -13.98
N TYR B 80 16.14 -30.81 -13.05
CA TYR B 80 17.15 -29.80 -13.20
C TYR B 80 18.21 -30.26 -14.16
N ILE B 81 18.19 -31.55 -14.48
CA ILE B 81 19.28 -32.19 -15.20
C ILE B 81 19.39 -31.70 -16.60
N GLN B 82 20.61 -31.27 -16.95
CA GLN B 82 20.89 -30.66 -18.27
C GLN B 82 20.10 -29.43 -18.63
N ALA B 83 19.74 -28.62 -17.64
CA ALA B 83 19.11 -27.36 -17.90
C ALA B 83 20.21 -26.46 -18.26
N GLN B 84 19.93 -25.47 -19.12
CA GLN B 84 20.98 -24.57 -19.55
C GLN B 84 20.79 -23.18 -19.02
N CYS B 85 19.63 -22.94 -18.42
CA CYS B 85 19.30 -21.67 -17.80
C CYS B 85 18.06 -21.86 -16.91
N ALA B 86 17.73 -20.82 -16.16
CA ALA B 86 16.66 -20.92 -15.15
C ALA B 86 16.04 -19.58 -14.85
N ILE B 87 14.78 -19.63 -14.49
CA ILE B 87 14.11 -18.48 -13.89
C ILE B 87 13.72 -18.91 -12.46
N ILE B 88 14.10 -18.16 -11.43
CA ILE B 88 13.47 -18.25 -10.10
C ILE B 88 12.43 -17.19 -9.95
N MET B 89 11.17 -17.57 -9.76
CA MET B 89 10.12 -16.61 -9.49
C MET B 89 9.72 -16.49 -7.99
N PHE B 90 9.32 -15.30 -7.56
CA PHE B 90 8.70 -15.09 -6.26
C PHE B 90 7.57 -14.09 -6.44
N ASP B 91 6.79 -13.87 -5.37
CA ASP B 91 5.59 -13.04 -5.41
C ASP B 91 5.89 -11.82 -4.57
N VAL B 92 5.83 -10.68 -5.23
CA VAL B 92 6.07 -9.39 -4.61
C VAL B 92 5.04 -9.07 -3.51
N THR B 93 3.87 -9.71 -3.53
CA THR B 93 2.89 -9.53 -2.48
C THR B 93 2.96 -10.60 -1.36
N SER B 94 3.95 -11.48 -1.38
CA SER B 94 4.07 -12.53 -0.35
C SER B 94 5.50 -12.66 0.14
N ARG B 95 5.82 -12.04 1.25
CA ARG B 95 7.22 -11.98 1.70
C ARG B 95 7.88 -13.35 1.81
N VAL B 96 7.09 -14.37 2.10
CA VAL B 96 7.65 -15.71 2.33
C VAL B 96 8.29 -16.29 1.08
N THR B 97 7.76 -15.93 -0.09
CA THR B 97 8.25 -16.45 -1.36
C THR B 97 9.66 -15.92 -1.63
N TYR B 98 9.91 -14.67 -1.23
CA TYR B 98 11.23 -14.08 -1.37
C TYR B 98 12.20 -14.69 -0.39
N LYS B 99 11.68 -15.03 0.80
CA LYS B 99 12.53 -15.61 1.84
C LYS B 99 13.01 -16.99 1.42
N ASN B 100 12.22 -17.67 0.60
CA ASN B 100 12.63 -18.98 0.03
C ASN B 100 13.56 -18.95 -1.22
N VAL B 101 13.70 -17.78 -1.84
CA VAL B 101 14.55 -17.67 -3.02
C VAL B 101 15.94 -18.31 -2.85
N PRO B 102 16.59 -18.16 -1.66
CA PRO B 102 17.95 -18.73 -1.54
C PRO B 102 17.97 -20.26 -1.61
N ASN B 103 16.87 -20.87 -1.18
CA ASN B 103 16.74 -22.33 -1.23
C ASN B 103 16.56 -22.81 -2.64
N TRP B 104 15.73 -22.11 -3.41
CA TRP B 104 15.58 -22.45 -4.83
C TRP B 104 16.90 -22.30 -5.54
N HIS B 105 17.57 -21.20 -5.30
CA HIS B 105 18.85 -20.96 -5.93
C HIS B 105 19.84 -22.06 -5.61
N ARG B 106 19.94 -22.38 -4.32
CA ARG B 106 20.88 -23.40 -3.82
C ARG B 106 20.69 -24.74 -4.52
N ASP B 107 19.45 -25.19 -4.62
CA ASP B 107 19.12 -26.46 -5.26
C ASP B 107 19.46 -26.50 -6.72
N LEU B 108 19.20 -25.40 -7.42
CA LEU B 108 19.49 -25.31 -8.83
C LEU B 108 20.98 -25.44 -9.03
N VAL B 109 21.80 -24.75 -8.25
CA VAL B 109 23.22 -24.84 -8.55
C VAL B 109 23.78 -26.18 -8.11
N ARG B 110 23.02 -26.91 -7.32
CA ARG B 110 23.49 -28.22 -6.93
C ARG B 110 23.60 -29.05 -8.17
N VAL B 111 22.63 -28.90 -9.07
CA VAL B 111 22.57 -29.71 -10.29
C VAL B 111 23.19 -29.00 -11.46
N CYS B 112 22.82 -27.76 -11.66
CA CYS B 112 23.16 -27.03 -12.87
C CYS B 112 24.18 -26.15 -12.29
N GLU B 113 25.43 -26.56 -12.44
CA GLU B 113 26.56 -25.88 -11.80
C GLU B 113 26.60 -24.38 -12.01
N ASN B 114 26.73 -23.99 -13.26
CA ASN B 114 26.91 -22.62 -13.55
C ASN B 114 26.09 -22.38 -14.75
N ILE B 115 25.16 -21.46 -14.65
CA ILE B 115 24.21 -21.28 -15.70
C ILE B 115 23.43 -20.05 -15.43
N PRO B 116 23.04 -19.32 -16.48
CA PRO B 116 22.43 -18.04 -16.22
C PRO B 116 21.11 -18.24 -15.49
N ILE B 117 20.86 -17.41 -14.47
CA ILE B 117 19.62 -17.45 -13.73
C ILE B 117 19.09 -16.05 -13.58
N VAL B 118 17.80 -15.94 -13.85
CA VAL B 118 17.11 -14.67 -13.74
C VAL B 118 16.17 -14.82 -12.58
N LEU B 119 16.15 -13.83 -11.72
CA LEU B 119 15.23 -13.76 -10.60
C LEU B 119 14.12 -12.83 -10.96
N CYS B 120 12.91 -13.28 -10.86
CA CYS B 120 11.77 -12.43 -11.15
C CYS B 120 10.85 -12.26 -9.92
N GLY B 121 10.54 -11.01 -9.57
CA GLY B 121 9.46 -10.67 -8.65
C GLY B 121 8.18 -10.42 -9.42
N ASN B 122 7.27 -11.39 -9.40
CA ASN B 122 5.98 -11.24 -10.12
C ASN B 122 4.89 -10.50 -9.30
N LYS B 123 3.83 -10.08 -9.99
CA LYS B 123 2.61 -9.47 -9.39
C LYS B 123 2.81 -8.03 -8.94
N VAL B 124 3.65 -7.29 -9.66
CA VAL B 124 3.81 -5.86 -9.41
C VAL B 124 2.59 -5.05 -9.86
N ASP B 125 1.61 -5.68 -10.46
CA ASP B 125 0.35 -5.00 -10.76
C ASP B 125 -0.55 -4.82 -9.54
N ILE B 126 -0.20 -5.48 -8.43
CA ILE B 126 -1.00 -5.45 -7.21
C ILE B 126 -0.53 -4.29 -6.34
N LYS B 127 -1.52 -3.57 -5.81
CA LYS B 127 -1.34 -2.39 -4.96
C LYS B 127 -0.37 -2.56 -3.77
N ASP B 128 -0.65 -3.48 -2.87
CA ASP B 128 0.15 -3.53 -1.63
C ASP B 128 1.31 -4.51 -1.75
N ARG B 129 2.43 -3.95 -2.15
CA ARG B 129 3.71 -4.68 -2.23
C ARG B 129 4.21 -4.96 -0.84
N LYS B 130 4.59 -6.20 -0.58
CA LYS B 130 5.22 -6.55 0.68
C LYS B 130 6.72 -6.62 0.49
N VAL B 131 7.16 -7.13 -0.67
CA VAL B 131 8.56 -7.10 -1.04
C VAL B 131 8.85 -5.84 -1.86
N LYS B 132 9.38 -4.82 -1.18
CA LYS B 132 9.79 -3.56 -1.83
C LYS B 132 11.14 -3.71 -2.50
N ALA B 133 11.41 -2.83 -3.46
CA ALA B 133 12.65 -2.89 -4.23
C ALA B 133 13.87 -2.94 -3.30
N LYS B 134 13.83 -2.13 -2.25
CA LYS B 134 14.83 -2.09 -1.19
C LYS B 134 15.18 -3.49 -0.66
N SER B 135 14.17 -4.25 -0.26
CA SER B 135 14.33 -5.59 0.28
C SER B 135 15.10 -6.53 -0.66
N ILE B 136 14.79 -6.43 -1.96
CA ILE B 136 15.27 -7.38 -2.92
C ILE B 136 16.75 -7.11 -3.20
N VAL B 137 17.62 -7.98 -2.71
CA VAL B 137 19.07 -7.84 -2.88
C VAL B 137 19.82 -9.19 -3.08
N PHE B 138 19.10 -10.31 -3.08
CA PHE B 138 19.75 -11.63 -3.32
C PHE B 138 20.50 -11.68 -4.67
N HIS B 139 19.95 -10.99 -5.66
CA HIS B 139 20.60 -10.93 -6.95
C HIS B 139 22.00 -10.31 -6.89
N ARG B 140 22.22 -9.41 -5.92
CA ARG B 140 23.52 -8.76 -5.77
C ARG B 140 24.53 -9.74 -5.13
N LYS B 141 24.04 -10.51 -4.18
CA LYS B 141 24.87 -11.48 -3.47
C LYS B 141 25.26 -12.68 -4.34
N LYS B 142 24.48 -12.94 -5.37
CA LYS B 142 24.73 -14.10 -6.26
C LYS B 142 24.96 -13.78 -7.74
N ASN B 143 25.01 -12.49 -8.10
CA ASN B 143 25.11 -12.10 -9.52
C ASN B 143 24.04 -12.71 -10.42
N LEU B 144 22.80 -12.46 -10.05
CA LEU B 144 21.67 -12.88 -10.83
C LEU B 144 21.11 -11.61 -11.41
N GLN B 145 20.39 -11.73 -12.50
CA GLN B 145 19.75 -10.58 -13.08
C GLN B 145 18.38 -10.57 -12.41
N TYR B 146 17.91 -9.38 -12.04
CA TYR B 146 16.59 -9.24 -11.41
C TYR B 146 15.63 -8.42 -12.26
N TYR B 147 14.35 -8.82 -12.27
CA TYR B 147 13.30 -8.00 -12.87
C TYR B 147 12.00 -8.06 -12.06
N ASP B 148 11.34 -6.92 -11.92
CA ASP B 148 9.93 -6.86 -11.62
C ASP B 148 9.17 -7.31 -12.83
N ILE B 149 8.17 -8.16 -12.67
CA ILE B 149 7.29 -8.54 -13.77
C ILE B 149 5.85 -8.61 -13.34
N SER B 150 4.93 -8.70 -14.28
CA SER B 150 3.53 -8.96 -14.01
C SER B 150 2.90 -9.75 -15.15
N ALA B 151 2.55 -11.00 -14.87
CA ALA B 151 1.83 -11.82 -15.84
C ALA B 151 0.50 -11.23 -16.21
N LYS B 152 -0.04 -10.39 -15.36
CA LYS B 152 -1.37 -9.88 -15.61
C LYS B 152 -1.32 -8.67 -16.49
N SER B 153 -0.42 -7.74 -16.20
CA SER B 153 -0.32 -6.51 -16.99
C SER B 153 0.71 -6.59 -18.12
N ASN B 154 1.47 -7.68 -18.18
CA ASN B 154 2.56 -7.85 -19.15
C ASN B 154 3.77 -6.95 -18.92
N TYR B 155 3.90 -6.41 -17.73
CA TYR B 155 5.00 -5.51 -17.43
C TYR B 155 6.30 -6.31 -17.48
N ASN B 156 7.29 -5.83 -18.25
CA ASN B 156 8.57 -6.52 -18.37
C ASN B 156 8.43 -8.01 -18.76
N PHE B 157 7.29 -8.29 -19.37
CA PHE B 157 6.92 -9.60 -19.90
C PHE B 157 8.08 -10.39 -20.50
N GLU B 158 8.84 -9.77 -21.42
CA GLU B 158 9.86 -10.51 -22.20
C GLU B 158 11.26 -10.38 -21.62
N LYS B 159 11.46 -9.44 -20.71
CA LYS B 159 12.80 -9.17 -20.23
C LYS B 159 13.57 -10.44 -19.79
N PRO B 160 12.91 -11.34 -19.07
CA PRO B 160 13.72 -12.45 -18.57
C PRO B 160 14.26 -13.33 -19.70
N PHE B 161 13.45 -13.56 -20.74
CA PHE B 161 13.82 -14.41 -21.83
C PHE B 161 14.85 -13.69 -22.70
N LEU B 162 14.68 -12.39 -22.89
CA LEU B 162 15.62 -11.61 -23.71
C LEU B 162 17.01 -11.63 -23.08
N TRP B 163 17.07 -11.44 -21.76
CA TRP B 163 18.32 -11.43 -21.02
C TRP B 163 19.01 -12.78 -21.18
N LEU B 164 18.26 -13.84 -20.96
CA LEU B 164 18.81 -15.19 -21.02
C LEU B 164 19.27 -15.49 -22.43
N ALA B 165 18.52 -15.01 -23.43
CA ALA B 165 18.87 -15.20 -24.83
C ALA B 165 20.20 -14.54 -25.18
N ARG B 166 20.40 -13.31 -24.72
CA ARG B 166 21.65 -12.56 -24.98
C ARG B 166 22.80 -13.29 -24.33
N LYS B 167 22.55 -13.72 -23.13
CA LYS B 167 23.56 -14.41 -22.33
C LYS B 167 23.95 -15.75 -22.95
N LEU B 168 22.97 -16.47 -23.44
CA LEU B 168 23.25 -17.82 -23.91
C LEU B 168 23.79 -17.86 -25.33
N ILE B 169 23.31 -16.97 -26.21
CA ILE B 169 23.86 -16.75 -27.54
C ILE B 169 25.19 -15.99 -27.43
N GLY B 170 25.33 -15.22 -26.37
CA GLY B 170 26.50 -14.38 -26.20
C GLY B 170 26.56 -13.19 -27.16
N ASP B 171 25.40 -12.66 -27.57
CA ASP B 171 25.30 -11.49 -28.44
C ASP B 171 24.38 -10.45 -27.84
N PRO B 172 24.94 -9.33 -27.36
CA PRO B 172 24.15 -8.27 -26.69
C PRO B 172 23.25 -7.51 -27.62
N ASN B 173 23.47 -7.68 -28.92
CA ASN B 173 22.63 -7.00 -29.90
C ASN B 173 21.40 -7.79 -30.29
N LEU B 174 21.26 -9.01 -29.75
CA LEU B 174 20.04 -9.78 -29.99
C LEU B 174 18.82 -8.97 -29.58
N GLU B 175 17.80 -8.98 -30.42
CA GLU B 175 16.59 -8.27 -30.14
C GLU B 175 15.45 -9.22 -30.44
N PHE B 176 14.37 -9.11 -29.67
CA PHE B 176 13.13 -9.84 -29.94
C PHE B 176 12.26 -9.01 -30.93
MG MG C . 2.51 -24.09 -12.01
PG GTP D . 2.49 -23.98 -8.62
O1G GTP D . 1.72 -24.57 -7.43
O2G GTP D . 2.05 -24.59 -9.90
O3G GTP D . 3.95 -24.02 -8.26
O3B GTP D . 2.02 -22.49 -8.74
PB GTP D . 2.22 -21.44 -9.95
O1B GTP D . 3.42 -20.61 -9.47
O2B GTP D . 2.32 -22.07 -11.34
O3A GTP D . 1.01 -20.40 -9.81
PA GTP D . -0.01 -20.12 -10.94
O1A GTP D . 0.58 -19.52 -12.17
O2A GTP D . -0.85 -21.32 -11.23
O5' GTP D . -0.76 -18.77 -10.50
C5' GTP D . -1.28 -18.51 -9.21
C4' GTP D . -2.42 -17.46 -9.16
O4' GTP D . -1.89 -16.13 -9.25
C3' GTP D . -3.47 -17.57 -10.23
O3' GTP D . -4.72 -17.31 -9.66
C2' GTP D . -3.10 -16.45 -11.17
O2' GTP D . -4.22 -15.96 -11.92
C1' GTP D . -2.50 -15.38 -10.30
N9 GTP D . -1.41 -14.54 -10.90
C8 GTP D . -0.27 -14.95 -11.55
N7 GTP D . 0.50 -13.90 -11.94
C5 GTP D . -0.14 -12.79 -11.55
C6 GTP D . 0.11 -11.34 -11.65
O6 GTP D . 1.15 -10.96 -12.23
N1 GTP D . -0.77 -10.49 -11.12
C2 GTP D . -1.86 -10.91 -10.48
N2 GTP D . -2.70 -9.96 -9.98
N3 GTP D . -2.18 -12.21 -10.38
C4 GTP D . -1.37 -13.19 -10.86
#